data_3HJE
#
_entry.id   3HJE
#
_cell.length_a   63.992
_cell.length_b   86.100
_cell.length_c   70.130
_cell.angle_alpha   90.00
_cell.angle_beta   95.43
_cell.angle_gamma   90.00
#
_symmetry.space_group_name_H-M   'P 1 21 1'
#
loop_
_entity.id
_entity.type
_entity.pdbx_description
1 polymer '704aa long hypothetical glycosyltransferase'
2 non-polymer GLYCEROL
3 water water
#
_entity_poly.entity_id   1
_entity_poly.type   'polypeptide(L)'
_entity_poly.pdbx_seq_one_letter_code
;MKLLSTYRLQPMKFSEIRNRLDYFVELGVTHLYLSPVLKARPGSTHGYDVVDYNTINDELGGEEEYIRLIDEAKSKGLGI
IQDIVPNHMAVHHTNWRLMDVLKKGRHSRYYNYFDFYEEEEKIRIPILGDRNFKITYVNDEPYLDYYGNLFPINDEGRNY
LNDIEKLLKVQYYELVDWRDYPSYRRFFAVNELIAVRQELEWVFEDSHSKILSFEVDGYRIDHIDGLFKPEEYLRRLKNK
IGNKHIFVEKILSIGEKLRWDFIDGTTGYDFLNYSNLLFTDNEDKMTEIYKNILDIDLDELVKETKKKIIDTLFKHDIER
ISMMLGVNYEEIKEFLSCLKVYRTYITENDFRDEEIIRNCSQKVYESMKKNVTAFMKLQQYMPAVFAKAYEDTVLFIYNR
LISLNEVGSDLHYYSISCDKFHEFNLKRVGTLSFNATSTHDTKFSEDVRMRISAISEIPDEWAKKVNEWHNILNPNIDKN
DEYRLYQTIVGSFDGFNNEYKERLKAHMIKALREAKVHTDWVNVNTEYEKKMTYLIDKMFNNEKFMESFLEFESKIDKMG
KVKSLSLVALKITSPGVADFYQGLENFRYLLTDPDNRRPVVFSELPKRYEEGLFNNGRIKAYVTKVLLNLRKSMKDFFIN
SEYKPLKLQKGLCGFMRGDKVLVIVKTLNRDYDIEIDGEYTDVITDETVRGRVKVDKLPLILVK
;
_entity_poly.pdbx_strand_id   A
#
loop_
_chem_comp.id
_chem_comp.type
_chem_comp.name
_chem_comp.formula
GOL non-polymer GLYCEROL 'C3 H8 O3'
#
# COMPACT_ATOMS: atom_id res chain seq x y z
N MET A 1 -18.73 16.60 -7.95
CA MET A 1 -17.60 17.18 -8.73
C MET A 1 -17.01 16.13 -9.67
N LYS A 2 -16.62 16.53 -10.88
N LYS A 2 -16.60 16.55 -10.87
CA LYS A 2 -16.07 15.57 -11.85
CA LYS A 2 -16.01 15.65 -11.86
C LYS A 2 -14.63 15.15 -11.51
C LYS A 2 -14.64 15.15 -11.38
N LEU A 3 -14.42 13.84 -11.47
CA LEU A 3 -13.18 13.26 -10.94
C LEU A 3 -12.02 13.26 -11.92
N LEU A 4 -10.95 13.97 -11.57
CA LEU A 4 -9.73 14.03 -12.40
C LEU A 4 -8.45 13.71 -11.62
N SER A 5 -8.45 14.04 -10.33
CA SER A 5 -7.29 13.86 -9.48
C SER A 5 -7.66 13.77 -8.01
N THR A 6 -6.87 12.99 -7.26
CA THR A 6 -7.11 12.77 -5.84
C THR A 6 -5.90 13.14 -4.96
N TYR A 7 -6.19 13.64 -3.76
CA TYR A 7 -5.15 13.93 -2.78
C TYR A 7 -5.45 13.10 -1.55
N ARG A 8 -4.64 12.07 -1.35
CA ARG A 8 -4.77 11.18 -0.21
C ARG A 8 -4.31 11.84 1.09
N LEU A 9 -5.21 11.88 2.07
CA LEU A 9 -4.86 12.34 3.41
C LEU A 9 -4.94 11.19 4.41
N GLN A 10 -3.87 11.04 5.19
CA GLN A 10 -3.93 10.23 6.39
C GLN A 10 -4.85 10.95 7.39
N PRO A 11 -5.24 10.28 8.49
CA PRO A 11 -6.22 10.91 9.39
C PRO A 11 -5.84 12.33 9.80
N MET A 12 -6.82 13.23 9.68
CA MET A 12 -6.68 14.64 10.00
C MET A 12 -8.04 15.16 10.48
N LYS A 13 -8.02 15.96 11.55
CA LYS A 13 -9.25 16.57 12.06
C LYS A 13 -10.01 17.23 10.90
N PHE A 14 -11.32 17.01 10.84
CA PHE A 14 -12.12 17.53 9.73
C PHE A 14 -12.00 19.04 9.58
N SER A 15 -11.97 19.73 10.71
CA SER A 15 -11.85 21.19 10.72
C SER A 15 -10.50 21.64 10.11
N GLU A 16 -9.45 20.85 10.30
CA GLU A 16 -8.13 21.18 9.75
C GLU A 16 -8.09 20.95 8.23
N ILE A 17 -8.72 19.87 7.76
CA ILE A 17 -8.93 19.66 6.32
C ILE A 17 -9.71 20.84 5.71
N ARG A 18 -10.82 21.19 6.34
CA ARG A 18 -11.69 22.28 5.88
C ARG A 18 -10.90 23.61 5.74
N ASN A 19 -10.01 23.88 6.67
CA ASN A 19 -9.27 25.13 6.62
C ASN A 19 -8.09 25.14 5.64
N ARG A 20 -7.88 24.00 4.97
CA ARG A 20 -6.85 23.86 3.96
C ARG A 20 -7.44 23.74 2.54
N LEU A 21 -8.76 23.89 2.43
CA LEU A 21 -9.46 23.70 1.13
C LEU A 21 -8.97 24.60 0.00
N ASP A 22 -8.70 25.87 0.31
CA ASP A 22 -8.15 26.79 -0.69
C ASP A 22 -6.81 26.28 -1.29
N TYR A 23 -5.97 25.72 -0.43
CA TYR A 23 -4.70 25.12 -0.87
C TYR A 23 -4.94 24.03 -1.93
N PHE A 24 -5.84 23.10 -1.63
CA PHE A 24 -6.16 22.02 -2.56
C PHE A 24 -6.73 22.53 -3.88
N VAL A 25 -7.62 23.52 -3.80
CA VAL A 25 -8.14 24.15 -5.02
C VAL A 25 -7.00 24.69 -5.87
N GLU A 26 -6.13 25.51 -5.25
CA GLU A 26 -4.98 26.09 -5.94
C GLU A 26 -4.07 25.03 -6.57
N LEU A 27 -3.79 23.97 -5.83
CA LEU A 27 -2.93 22.88 -6.32
C LEU A 27 -3.51 22.22 -7.58
N GLY A 28 -4.84 22.23 -7.68
CA GLY A 28 -5.53 21.72 -8.86
C GLY A 28 -6.22 20.36 -8.74
N VAL A 29 -6.18 19.76 -7.56
CA VAL A 29 -6.87 18.48 -7.36
C VAL A 29 -8.39 18.68 -7.37
N THR A 30 -9.11 17.65 -7.81
CA THR A 30 -10.57 17.72 -7.84
C THR A 30 -11.20 17.07 -6.61
N HIS A 31 -10.50 16.10 -6.04
CA HIS A 31 -11.01 15.29 -4.93
C HIS A 31 -10.01 15.06 -3.81
N LEU A 32 -10.53 15.07 -2.59
CA LEU A 32 -9.80 14.62 -1.40
C LEU A 32 -10.14 13.15 -1.17
N TYR A 33 -9.09 12.36 -0.99
CA TYR A 33 -9.20 10.93 -0.77
C TYR A 33 -8.93 10.72 0.73
N LEU A 34 -10.01 10.55 1.49
CA LEU A 34 -9.90 10.55 2.95
C LEU A 34 -9.70 9.15 3.54
N SER A 35 -8.90 9.07 4.60
CA SER A 35 -8.75 7.86 5.41
C SER A 35 -10.09 7.49 6.07
N PRO A 36 -10.23 6.22 6.52
CA PRO A 36 -11.49 5.79 7.13
C PRO A 36 -11.94 6.70 8.30
N VAL A 37 -13.22 6.97 8.37
CA VAL A 37 -13.74 7.98 9.29
C VAL A 37 -14.68 7.41 10.38
N LEU A 38 -14.93 6.10 10.34
CA LEU A 38 -15.76 5.47 11.38
C LEU A 38 -14.99 5.22 12.67
N LYS A 39 -15.73 5.22 13.78
CA LYS A 39 -15.14 5.12 15.11
C LYS A 39 -14.19 3.93 15.17
N ALA A 40 -12.96 4.21 15.57
CA ALA A 40 -11.92 3.19 15.65
C ALA A 40 -11.42 3.03 17.08
N ARG A 41 -10.43 2.16 17.28
CA ARG A 41 -9.81 2.00 18.61
C ARG A 41 -9.24 3.33 19.08
N PRO A 42 -9.27 3.58 20.41
CA PRO A 42 -8.81 4.85 20.96
C PRO A 42 -7.42 5.20 20.44
N GLY A 43 -7.28 6.42 19.94
CA GLY A 43 -6.02 6.91 19.38
C GLY A 43 -5.46 6.16 18.17
N SER A 44 -6.33 5.48 17.41
CA SER A 44 -5.87 4.88 16.17
C SER A 44 -5.27 5.97 15.29
N THR A 45 -4.13 5.67 14.68
CA THR A 45 -3.48 6.62 13.79
C THR A 45 -3.86 6.43 12.32
N HIS A 46 -4.68 5.43 12.02
CA HIS A 46 -4.98 5.06 10.63
C HIS A 46 -6.45 4.80 10.31
N GLY A 47 -7.24 4.43 11.31
CA GLY A 47 -8.68 4.18 11.13
C GLY A 47 -9.09 2.84 10.53
N TYR A 48 -8.12 1.94 10.31
CA TYR A 48 -8.43 0.61 9.75
C TYR A 48 -8.90 -0.41 10.80
N ASP A 49 -8.94 0.03 12.06
CA ASP A 49 -9.36 -0.80 13.19
C ASP A 49 -10.70 -0.29 13.75
N VAL A 50 -11.76 -0.58 13.00
CA VAL A 50 -13.11 -0.07 13.28
C VAL A 50 -13.73 -0.76 14.49
N VAL A 51 -14.35 0.03 15.37
CA VAL A 51 -15.09 -0.51 16.51
C VAL A 51 -16.60 -0.34 16.42
N ASP A 52 -17.03 0.60 15.59
CA ASP A 52 -18.45 0.86 15.40
C ASP A 52 -18.73 1.47 14.05
N TYR A 53 -19.44 0.70 13.23
CA TYR A 53 -19.86 1.15 11.90
C TYR A 53 -20.92 2.27 11.94
N ASN A 54 -21.51 2.50 13.11
CA ASN A 54 -22.64 3.44 13.24
C ASN A 54 -22.27 4.87 13.53
N THR A 55 -20.98 5.12 13.81
CA THR A 55 -20.57 6.42 14.34
C THR A 55 -19.33 6.97 13.65
N ILE A 56 -19.42 8.23 13.23
CA ILE A 56 -18.28 8.99 12.73
C ILE A 56 -17.33 9.29 13.90
N ASN A 57 -16.05 8.98 13.70
CA ASN A 57 -14.95 9.19 14.66
C ASN A 57 -14.99 10.57 15.34
N ASP A 58 -15.22 10.57 16.65
CA ASP A 58 -15.27 11.82 17.42
C ASP A 58 -13.89 12.46 17.60
N GLU A 59 -12.85 11.64 17.57
CA GLU A 59 -11.49 12.16 17.69
C GLU A 59 -11.14 13.11 16.52
N LEU A 60 -11.77 12.88 15.37
CA LEU A 60 -11.56 13.67 14.17
C LEU A 60 -12.47 14.89 14.09
N GLY A 61 -13.42 14.97 15.00
CA GLY A 61 -14.36 16.09 15.05
C GLY A 61 -15.80 15.62 15.02
N GLY A 62 -16.02 14.36 14.67
CA GLY A 62 -17.37 13.79 14.70
C GLY A 62 -18.22 14.12 13.49
N GLU A 63 -19.46 13.64 13.52
CA GLU A 63 -20.34 13.68 12.34
C GLU A 63 -20.66 15.09 11.82
N GLU A 64 -20.95 16.02 12.72
CA GLU A 64 -21.31 17.37 12.26
C GLU A 64 -20.13 18.07 11.58
N GLU A 65 -18.92 17.86 12.08
CA GLU A 65 -17.70 18.36 11.43
C GLU A 65 -17.43 17.68 10.08
N TYR A 66 -17.72 16.38 9.99
CA TYR A 66 -17.61 15.65 8.72
C TYR A 66 -18.55 16.23 7.66
N ILE A 67 -19.82 16.42 8.04
CA ILE A 67 -20.82 17.00 7.14
C ILE A 67 -20.38 18.41 6.71
N ARG A 68 -19.86 19.16 7.66
CA ARG A 68 -19.39 20.53 7.39
C ARG A 68 -18.28 20.54 6.35
N LEU A 69 -17.33 19.60 6.50
CA LEU A 69 -16.25 19.43 5.54
C LEU A 69 -16.79 19.08 4.15
N ILE A 70 -17.68 18.09 4.08
CA ILE A 70 -18.29 17.71 2.80
C ILE A 70 -18.94 18.89 2.09
N ASP A 71 -19.76 19.66 2.83
CA ASP A 71 -20.48 20.80 2.27
CA ASP A 71 -20.48 20.82 2.28
C ASP A 71 -19.56 21.94 1.81
N GLU A 72 -18.59 22.31 2.66
N GLU A 72 -18.61 22.32 2.66
CA GLU A 72 -17.66 23.38 2.32
CA GLU A 72 -17.66 23.40 2.31
C GLU A 72 -16.69 23.00 1.19
C GLU A 72 -16.76 22.97 1.12
N ALA A 73 -16.31 21.72 1.12
CA ALA A 73 -15.56 21.18 -0.03
C ALA A 73 -16.37 21.37 -1.32
N LYS A 74 -17.63 20.93 -1.30
CA LYS A 74 -18.52 21.07 -2.44
C LYS A 74 -18.58 22.55 -2.91
N SER A 75 -18.78 23.46 -1.96
CA SER A 75 -18.88 24.87 -2.33
C SER A 75 -17.58 25.40 -2.95
N LYS A 76 -16.44 24.82 -2.58
CA LYS A 76 -15.13 25.20 -3.15
C LYS A 76 -14.77 24.44 -4.44
N GLY A 77 -15.63 23.52 -4.84
CA GLY A 77 -15.44 22.74 -6.07
C GLY A 77 -14.56 21.53 -5.88
N LEU A 78 -14.56 20.96 -4.67
CA LEU A 78 -13.82 19.73 -4.40
C LEU A 78 -14.81 18.65 -3.96
N GLY A 79 -14.55 17.41 -4.38
CA GLY A 79 -15.35 16.28 -3.97
C GLY A 79 -14.60 15.40 -2.97
N ILE A 80 -15.27 14.38 -2.45
CA ILE A 80 -14.69 13.46 -1.47
C ILE A 80 -14.75 12.01 -2.00
N ILE A 81 -13.63 11.32 -1.90
CA ILE A 81 -13.59 9.88 -2.10
C ILE A 81 -13.27 9.26 -0.73
N GLN A 82 -14.20 8.45 -0.21
CA GLN A 82 -14.12 7.97 1.17
C GLN A 82 -13.63 6.52 1.28
N ASP A 83 -12.49 6.33 1.95
CA ASP A 83 -11.97 5.01 2.25
C ASP A 83 -12.94 4.34 3.23
N ILE A 84 -13.37 3.12 2.92
CA ILE A 84 -14.21 2.32 3.85
C ILE A 84 -13.63 0.93 4.06
N VAL A 85 -14.00 0.31 5.18
CA VAL A 85 -13.33 -0.91 5.66
C VAL A 85 -14.34 -2.02 5.95
N PRO A 86 -14.82 -2.69 4.90
CA PRO A 86 -15.85 -3.71 5.10
C PRO A 86 -15.34 -5.08 5.61
N ASN A 87 -14.06 -5.42 5.41
CA ASN A 87 -13.63 -6.79 5.64
C ASN A 87 -13.52 -7.23 7.11
N HIS A 88 -13.24 -6.28 8.00
CA HIS A 88 -12.86 -6.62 9.38
C HIS A 88 -13.13 -5.47 10.36
N MET A 89 -13.20 -5.82 11.65
CA MET A 89 -13.28 -4.85 12.75
C MET A 89 -12.18 -5.13 13.76
N ALA A 90 -12.05 -4.24 14.73
CA ALA A 90 -11.07 -4.37 15.79
C ALA A 90 -11.63 -5.16 16.96
N VAL A 91 -10.79 -6.02 17.54
CA VAL A 91 -11.08 -6.70 18.79
C VAL A 91 -10.71 -5.74 19.92
N HIS A 92 -11.72 -5.02 20.40
CA HIS A 92 -11.56 -4.04 21.46
C HIS A 92 -12.89 -3.93 22.15
N HIS A 93 -12.86 -3.57 23.43
CA HIS A 93 -14.09 -3.53 24.23
C HIS A 93 -15.10 -2.46 23.79
N THR A 94 -14.66 -1.47 23.02
CA THR A 94 -15.60 -0.49 22.45
C THR A 94 -16.32 -1.02 21.19
N ASN A 95 -15.93 -2.21 20.72
CA ASN A 95 -16.67 -2.88 19.64
C ASN A 95 -17.88 -3.58 20.27
N TRP A 96 -19.00 -2.85 20.35
CA TRP A 96 -20.17 -3.37 21.07
C TRP A 96 -20.79 -4.61 20.42
N ARG A 97 -20.73 -4.68 19.09
CA ARG A 97 -21.18 -5.88 18.37
C ARG A 97 -20.41 -7.12 18.81
N LEU A 98 -19.08 -7.00 18.83
CA LEU A 98 -18.22 -8.12 19.22
C LEU A 98 -18.38 -8.45 20.70
N MET A 99 -18.53 -7.43 21.54
CA MET A 99 -18.74 -7.67 22.98
C MET A 99 -20.05 -8.44 23.23
N ASP A 100 -21.07 -8.14 22.43
CA ASP A 100 -22.35 -8.85 22.51
C ASP A 100 -22.16 -10.35 22.27
N VAL A 101 -21.35 -10.69 21.27
CA VAL A 101 -21.05 -12.09 20.96
C VAL A 101 -20.23 -12.73 22.09
N LEU A 102 -19.20 -12.04 22.57
CA LEU A 102 -18.37 -12.60 23.64
C LEU A 102 -19.15 -12.83 24.94
N LYS A 103 -20.16 -11.99 25.18
CA LYS A 103 -21.01 -12.08 26.37
C LYS A 103 -22.15 -13.11 26.25
N LYS A 104 -22.66 -13.31 25.03
CA LYS A 104 -23.84 -14.17 24.84
C LYS A 104 -23.58 -15.42 23.99
N GLY A 105 -22.39 -15.49 23.38
CA GLY A 105 -22.00 -16.60 22.49
C GLY A 105 -22.90 -16.70 21.26
N ARG A 106 -23.23 -17.93 20.88
CA ARG A 106 -24.06 -18.18 19.71
C ARG A 106 -25.46 -17.57 19.75
N HIS A 107 -25.92 -17.20 20.95
CA HIS A 107 -27.23 -16.59 21.12
CA HIS A 107 -27.22 -16.58 21.17
C HIS A 107 -27.26 -15.12 20.73
N SER A 108 -26.07 -14.51 20.57
CA SER A 108 -26.01 -13.15 20.10
C SER A 108 -26.48 -13.05 18.65
N ARG A 109 -27.32 -12.05 18.36
CA ARG A 109 -27.64 -11.67 16.98
C ARG A 109 -26.36 -11.53 16.12
N TYR A 110 -25.28 -11.09 16.75
CA TYR A 110 -24.04 -10.77 16.03
C TYR A 110 -23.05 -11.93 15.87
N TYR A 111 -23.42 -13.13 16.32
CA TYR A 111 -22.55 -14.29 16.11
C TYR A 111 -22.24 -14.51 14.62
N ASN A 112 -23.24 -14.40 13.76
CA ASN A 112 -23.03 -14.52 12.30
C ASN A 112 -22.35 -13.30 11.68
N TYR A 113 -22.28 -12.21 12.43
CA TYR A 113 -21.71 -10.95 11.93
C TYR A 113 -20.20 -11.12 11.64
N PHE A 114 -19.53 -11.97 12.42
CA PHE A 114 -18.09 -12.18 12.28
C PHE A 114 -17.79 -13.59 11.83
N ASP A 115 -16.61 -13.77 11.25
CA ASP A 115 -16.25 -15.04 10.65
C ASP A 115 -15.59 -15.98 11.68
N PHE A 116 -16.42 -16.47 12.61
CA PHE A 116 -15.96 -17.40 13.65
C PHE A 116 -15.84 -18.80 13.07
N TYR A 117 -14.92 -19.58 13.61
CA TYR A 117 -14.77 -20.97 13.24
C TYR A 117 -15.76 -21.79 14.04
N GLU A 118 -16.84 -22.20 13.38
CA GLU A 118 -18.03 -22.70 14.08
C GLU A 118 -17.86 -24.05 14.77
N GLU A 119 -16.88 -24.84 14.35
CA GLU A 119 -16.59 -26.12 15.03
C GLU A 119 -16.06 -25.95 16.46
N GLU A 120 -15.56 -24.76 16.79
CA GLU A 120 -15.00 -24.50 18.11
C GLU A 120 -16.09 -24.28 19.14
N GLU A 121 -15.99 -24.99 20.25
CA GLU A 121 -16.95 -24.87 21.33
C GLU A 121 -16.94 -23.46 21.94
N LYS A 122 -15.74 -22.92 22.09
CA LYS A 122 -15.57 -21.57 22.61
C LYS A 122 -14.71 -20.75 21.66
N ILE A 123 -14.98 -19.44 21.64
CA ILE A 123 -14.20 -18.51 20.84
C ILE A 123 -12.82 -18.31 21.47
N ARG A 124 -11.81 -18.84 20.79
CA ARG A 124 -10.42 -18.78 21.28
C ARG A 124 -9.77 -17.46 20.88
N ILE A 125 -9.28 -16.75 21.89
CA ILE A 125 -8.65 -15.44 21.71
C ILE A 125 -7.21 -15.51 22.22
N PRO A 126 -6.22 -15.48 21.30
CA PRO A 126 -4.81 -15.61 21.68
C PRO A 126 -4.30 -14.31 22.30
N ILE A 127 -4.00 -14.33 23.59
CA ILE A 127 -3.59 -13.10 24.28
C ILE A 127 -2.68 -13.32 25.50
N LEU A 128 -2.75 -14.52 26.09
CA LEU A 128 -2.12 -14.79 27.37
C LEU A 128 -0.61 -15.04 27.34
N GLY A 129 0.08 -14.35 28.26
CA GLY A 129 1.46 -14.64 28.61
C GLY A 129 1.56 -15.14 30.06
N ASP A 130 0.47 -14.96 30.82
CA ASP A 130 0.34 -15.49 32.18
C ASP A 130 -1.14 -15.61 32.53
N ARG A 131 -1.45 -15.76 33.81
CA ARG A 131 -2.85 -15.82 34.24
C ARG A 131 -3.16 -14.72 35.26
N ASN A 132 -2.62 -13.54 34.99
CA ASN A 132 -2.80 -12.38 35.86
C ASN A 132 -4.02 -11.56 35.46
N PHE A 133 -5.16 -11.84 36.11
CA PHE A 133 -6.44 -11.22 35.75
C PHE A 133 -6.96 -10.29 36.85
N LYS A 134 -7.74 -9.29 36.44
CA LYS A 134 -8.50 -8.46 37.38
C LYS A 134 -9.87 -8.09 36.78
N ILE A 135 -10.69 -7.38 37.55
CA ILE A 135 -11.99 -6.91 37.05
C ILE A 135 -11.97 -5.40 36.94
N THR A 136 -12.41 -4.88 35.80
CA THR A 136 -12.45 -3.45 35.54
C THR A 136 -13.78 -3.13 34.91
N TYR A 137 -14.36 -1.99 35.28
CA TYR A 137 -15.72 -1.65 34.89
C TYR A 137 -15.73 -0.68 33.72
N VAL A 138 -16.70 -0.86 32.83
CA VAL A 138 -16.98 0.10 31.77
C VAL A 138 -18.47 0.41 31.85
N ASN A 139 -18.79 1.68 32.11
CA ASN A 139 -20.18 2.13 32.30
CA ASN A 139 -20.15 2.16 32.35
C ASN A 139 -20.99 1.22 33.24
N ASP A 140 -20.44 0.93 34.42
CA ASP A 140 -21.08 0.14 35.48
C ASP A 140 -21.18 -1.37 35.24
N GLU A 141 -20.62 -1.83 34.13
CA GLU A 141 -20.64 -3.25 33.78
C GLU A 141 -19.25 -3.84 34.00
N PRO A 142 -19.18 -4.99 34.70
CA PRO A 142 -17.88 -5.60 34.97
C PRO A 142 -17.27 -6.25 33.72
N TYR A 143 -15.96 -6.08 33.54
CA TYR A 143 -15.19 -6.73 32.48
C TYR A 143 -14.00 -7.50 33.02
N LEU A 144 -13.68 -8.59 32.35
CA LEU A 144 -12.45 -9.32 32.61
C LEU A 144 -11.31 -8.48 32.01
N ASP A 145 -10.34 -8.14 32.86
CA ASP A 145 -9.26 -7.23 32.48
C ASP A 145 -7.95 -8.01 32.43
N TYR A 146 -7.42 -8.19 31.21
CA TYR A 146 -6.08 -8.74 31.01
C TYR A 146 -5.12 -7.64 30.52
N TYR A 147 -4.38 -7.06 31.47
CA TYR A 147 -3.48 -5.94 31.19
C TYR A 147 -4.13 -4.86 30.31
N GLY A 148 -5.34 -4.42 30.70
CA GLY A 148 -6.05 -3.36 29.98
C GLY A 148 -6.86 -3.83 28.77
N ASN A 149 -6.75 -5.11 28.42
CA ASN A 149 -7.56 -5.71 27.37
C ASN A 149 -8.78 -6.29 28.04
N LEU A 150 -9.94 -5.75 27.68
CA LEU A 150 -11.19 -5.97 28.39
C LEU A 150 -12.17 -6.87 27.63
N PHE A 151 -12.72 -7.84 28.35
CA PHE A 151 -13.64 -8.83 27.78
C PHE A 151 -14.87 -8.93 28.67
N PRO A 152 -16.05 -9.13 28.06
CA PRO A 152 -17.27 -9.05 28.86
C PRO A 152 -17.46 -10.30 29.71
N ILE A 153 -18.40 -10.23 30.64
CA ILE A 153 -18.67 -11.33 31.54
C ILE A 153 -20.16 -11.72 31.46
N ASN A 154 -20.43 -12.98 31.14
CA ASN A 154 -21.82 -13.42 31.01
C ASN A 154 -22.53 -13.47 32.37
N ASP A 155 -23.83 -13.70 32.33
CA ASP A 155 -24.63 -13.67 33.55
C ASP A 155 -24.15 -14.67 34.60
N GLU A 156 -23.81 -15.89 34.17
CA GLU A 156 -23.26 -16.90 35.07
C GLU A 156 -21.92 -16.49 35.67
N GLY A 157 -21.08 -15.83 34.87
CA GLY A 157 -19.75 -15.43 35.33
C GLY A 157 -19.80 -14.35 36.39
N ARG A 158 -20.88 -13.58 36.39
CA ARG A 158 -21.00 -12.44 37.29
C ARG A 158 -21.23 -12.82 38.75
N ASN A 159 -21.52 -14.10 38.98
CA ASN A 159 -21.56 -14.67 40.32
C ASN A 159 -20.16 -15.03 40.84
N TYR A 160 -19.16 -14.93 39.97
CA TYR A 160 -17.79 -15.37 40.29
C TYR A 160 -16.72 -14.26 40.14
N LEU A 161 -17.12 -13.00 40.32
CA LEU A 161 -16.19 -11.87 40.20
C LEU A 161 -14.98 -11.97 41.14
N ASN A 162 -15.17 -12.65 42.28
CA ASN A 162 -14.08 -12.85 43.23
CA ASN A 162 -14.11 -12.85 43.26
C ASN A 162 -13.40 -14.22 43.09
N ASP A 163 -13.78 -14.94 42.04
CA ASP A 163 -13.13 -16.21 41.69
C ASP A 163 -12.99 -16.23 40.17
N ILE A 164 -11.94 -15.57 39.68
CA ILE A 164 -11.77 -15.33 38.25
C ILE A 164 -11.57 -16.61 37.42
N GLU A 165 -10.83 -17.58 37.95
CA GLU A 165 -10.66 -18.86 37.24
C GLU A 165 -11.99 -19.60 37.02
N LYS A 166 -12.87 -19.55 38.01
CA LYS A 166 -14.22 -20.12 37.87
C LYS A 166 -15.11 -19.30 36.93
N LEU A 167 -14.94 -17.98 36.97
CA LEU A 167 -15.62 -17.06 36.04
C LEU A 167 -15.28 -17.42 34.59
N LEU A 168 -14.00 -17.60 34.32
CA LEU A 168 -13.51 -17.90 32.97
C LEU A 168 -14.04 -19.22 32.42
N LYS A 169 -14.16 -20.21 33.30
CA LYS A 169 -14.62 -21.53 32.84
CA LYS A 169 -14.66 -21.54 32.91
C LYS A 169 -16.04 -21.50 32.27
N VAL A 170 -16.88 -20.58 32.72
CA VAL A 170 -18.25 -20.51 32.22
C VAL A 170 -18.45 -19.50 31.07
N GLN A 171 -17.36 -18.86 30.62
CA GLN A 171 -17.44 -17.87 29.54
C GLN A 171 -17.61 -18.54 28.16
N TYR A 172 -18.14 -17.78 27.20
CA TYR A 172 -18.36 -18.25 25.84
C TYR A 172 -17.11 -18.09 24.96
N TYR A 173 -16.12 -17.41 25.52
CA TYR A 173 -14.80 -17.30 24.90
C TYR A 173 -13.78 -17.99 25.80
N GLU A 174 -12.63 -18.29 25.22
CA GLU A 174 -11.50 -18.81 25.95
C GLU A 174 -10.25 -17.99 25.63
N LEU A 175 -9.65 -17.40 26.65
CA LEU A 175 -8.39 -16.69 26.46
C LEU A 175 -7.26 -17.73 26.43
N VAL A 176 -6.45 -17.69 25.39
CA VAL A 176 -5.39 -18.68 25.22
C VAL A 176 -4.04 -18.01 25.05
N ASP A 177 -2.98 -18.83 25.03
CA ASP A 177 -1.63 -18.33 24.82
C ASP A 177 -1.56 -17.40 23.60
N TRP A 178 -0.79 -16.33 23.74
CA TRP A 178 -0.66 -15.31 22.69
C TRP A 178 -0.08 -15.83 21.35
N ARG A 179 0.56 -17.01 21.40
CA ARG A 179 1.15 -17.63 20.20
C ARG A 179 0.19 -18.62 19.53
N ASP A 180 -0.92 -18.94 20.20
CA ASP A 180 -1.92 -19.89 19.69
C ASP A 180 -2.77 -19.32 18.56
N TYR A 181 -3.51 -20.20 17.90
CA TYR A 181 -4.41 -19.82 16.80
C TYR A 181 -5.72 -19.26 17.35
N PRO A 182 -6.25 -18.20 16.73
CA PRO A 182 -7.60 -17.75 17.06
C PRO A 182 -8.63 -18.62 16.35
N SER A 183 -9.84 -18.64 16.89
CA SER A 183 -10.94 -19.39 16.30
C SER A 183 -11.83 -18.47 15.43
N TYR A 184 -11.18 -17.57 14.72
CA TYR A 184 -11.84 -16.68 13.76
C TYR A 184 -10.88 -16.28 12.65
N ARG A 185 -11.44 -15.93 11.49
CA ARG A 185 -10.68 -15.36 10.41
C ARG A 185 -10.23 -13.95 10.81
N ARG A 186 -8.94 -13.69 10.65
CA ARG A 186 -8.38 -12.37 10.93
C ARG A 186 -8.19 -11.56 9.65
N PHE A 187 -7.82 -10.29 9.80
CA PHE A 187 -7.13 -9.65 8.70
C PHE A 187 -5.70 -10.18 8.73
N PHE A 188 -5.32 -10.88 7.67
CA PHE A 188 -3.99 -11.49 7.57
C PHE A 188 -3.66 -12.22 8.89
N ALA A 189 -2.51 -11.95 9.50
CA ALA A 189 -2.18 -12.61 10.76
C ALA A 189 -2.34 -11.68 11.98
N VAL A 190 -3.17 -10.65 11.84
CA VAL A 190 -3.36 -9.65 12.90
C VAL A 190 -4.46 -10.15 13.83
N ASN A 191 -4.06 -10.60 15.03
CA ASN A 191 -4.99 -11.17 16.00
C ASN A 191 -6.07 -10.18 16.43
N GLU A 192 -5.73 -8.90 16.43
CA GLU A 192 -6.61 -7.83 16.93
C GLU A 192 -7.62 -7.35 15.87
N LEU A 193 -7.63 -8.00 14.71
CA LEU A 193 -8.60 -7.69 13.65
C LEU A 193 -9.38 -8.94 13.31
N ILE A 194 -10.70 -8.87 13.52
CA ILE A 194 -11.60 -9.99 13.25
C ILE A 194 -12.44 -9.71 12.00
N ALA A 195 -12.52 -10.70 11.11
CA ALA A 195 -13.21 -10.56 9.83
C ALA A 195 -14.74 -10.53 9.95
N VAL A 196 -15.36 -9.74 9.05
CA VAL A 196 -16.80 -9.51 9.05
C VAL A 196 -17.43 -10.26 7.87
N ARG A 197 -18.58 -10.89 8.10
CA ARG A 197 -19.23 -11.68 7.07
C ARG A 197 -20.14 -10.84 6.17
N GLN A 198 -19.50 -10.03 5.32
CA GLN A 198 -20.18 -9.16 4.35
C GLN A 198 -21.09 -9.92 3.38
N GLU A 199 -20.81 -11.20 3.17
CA GLU A 199 -21.63 -12.02 2.26
C GLU A 199 -23.08 -12.12 2.75
N LEU A 200 -23.29 -11.99 4.06
CA LEU A 200 -24.63 -11.98 4.63
C LEU A 200 -25.20 -10.58 4.48
N GLU A 201 -26.34 -10.50 3.79
CA GLU A 201 -26.91 -9.20 3.39
C GLU A 201 -27.29 -8.28 4.55
N TRP A 202 -27.78 -8.85 5.65
CA TRP A 202 -28.07 -8.05 6.84
C TRP A 202 -26.79 -7.44 7.44
N VAL A 203 -25.67 -8.14 7.29
CA VAL A 203 -24.36 -7.65 7.76
C VAL A 203 -23.87 -6.53 6.84
N PHE A 204 -23.98 -6.74 5.53
CA PHE A 204 -23.72 -5.65 4.57
C PHE A 204 -24.56 -4.40 4.92
N GLU A 205 -25.87 -4.58 5.05
CA GLU A 205 -26.78 -3.45 5.37
C GLU A 205 -26.37 -2.74 6.67
N ASP A 206 -26.22 -3.51 7.75
CA ASP A 206 -25.84 -2.97 9.06
C ASP A 206 -24.53 -2.16 9.06
N SER A 207 -23.51 -2.69 8.40
CA SER A 207 -22.17 -2.10 8.42
C SER A 207 -22.04 -0.89 7.47
N HIS A 208 -22.98 -0.75 6.53
CA HIS A 208 -22.93 0.34 5.55
C HIS A 208 -23.97 1.44 5.72
N SER A 209 -24.91 1.23 6.64
CA SER A 209 -25.98 2.21 6.84
C SER A 209 -25.47 3.65 7.05
N LYS A 210 -24.58 3.84 8.01
CA LYS A 210 -24.12 5.18 8.35
C LYS A 210 -23.20 5.77 7.27
N ILE A 211 -22.17 5.01 6.89
CA ILE A 211 -21.13 5.57 6.01
C ILE A 211 -21.67 5.94 4.62
N LEU A 212 -22.71 5.25 4.16
CA LEU A 212 -23.27 5.51 2.84
C LEU A 212 -24.30 6.67 2.85
N SER A 213 -24.58 7.22 4.02
CA SER A 213 -25.63 8.24 4.15
C SER A 213 -25.14 9.65 3.83
N PHE A 214 -23.85 9.81 3.55
CA PHE A 214 -23.27 11.15 3.37
C PHE A 214 -23.06 11.51 1.88
N GLU A 215 -22.96 12.81 1.60
CA GLU A 215 -22.91 13.30 0.22
C GLU A 215 -21.51 13.35 -0.39
N VAL A 216 -20.77 12.24 -0.24
CA VAL A 216 -19.48 12.09 -0.89
C VAL A 216 -19.65 11.70 -2.35
N ASP A 217 -18.55 11.75 -3.10
CA ASP A 217 -18.59 11.48 -4.53
C ASP A 217 -18.26 10.04 -4.86
N GLY A 218 -17.67 9.32 -3.90
CA GLY A 218 -17.29 7.94 -4.14
C GLY A 218 -16.58 7.28 -2.97
N TYR A 219 -16.19 6.03 -3.16
CA TYR A 219 -15.66 5.17 -2.09
C TYR A 219 -14.42 4.44 -2.59
N ARG A 220 -13.50 4.18 -1.66
CA ARG A 220 -12.35 3.32 -1.91
C ARG A 220 -12.45 2.15 -0.94
N ILE A 221 -12.42 0.93 -1.49
CA ILE A 221 -12.72 -0.27 -0.70
C ILE A 221 -11.43 -0.94 -0.23
N ASP A 222 -11.18 -0.88 1.07
CA ASP A 222 -10.06 -1.56 1.70
C ASP A 222 -10.17 -3.08 1.54
N HIS A 223 -9.07 -3.71 1.11
CA HIS A 223 -8.94 -5.17 1.05
C HIS A 223 -10.15 -5.88 0.46
N ILE A 224 -10.55 -5.52 -0.76
CA ILE A 224 -11.64 -6.23 -1.42
C ILE A 224 -11.40 -7.75 -1.48
N ASP A 225 -10.13 -8.15 -1.64
CA ASP A 225 -9.77 -9.55 -1.80
C ASP A 225 -9.99 -10.44 -0.56
N GLY A 226 -10.31 -9.82 0.58
CA GLY A 226 -10.64 -10.57 1.78
C GLY A 226 -12.04 -11.15 1.76
N LEU A 227 -12.90 -10.63 0.89
CA LEU A 227 -14.32 -10.95 0.91
C LEU A 227 -14.63 -12.33 0.33
N PHE A 228 -15.65 -12.96 0.89
CA PHE A 228 -16.10 -14.28 0.47
C PHE A 228 -16.65 -14.20 -0.97
N LYS A 229 -17.43 -13.16 -1.22
CA LYS A 229 -18.04 -12.93 -2.54
C LYS A 229 -17.88 -11.45 -2.91
N PRO A 230 -16.67 -11.06 -3.38
CA PRO A 230 -16.39 -9.65 -3.65
C PRO A 230 -17.28 -9.04 -4.72
N GLU A 231 -17.56 -9.79 -5.80
CA GLU A 231 -18.42 -9.27 -6.86
C GLU A 231 -19.80 -8.92 -6.34
N GLU A 232 -20.42 -9.83 -5.58
CA GLU A 232 -21.74 -9.63 -4.99
C GLU A 232 -21.77 -8.41 -4.05
N TYR A 233 -20.74 -8.25 -3.24
CA TYR A 233 -20.60 -7.09 -2.37
C TYR A 233 -20.61 -5.80 -3.19
N LEU A 234 -19.77 -5.77 -4.24
CA LEU A 234 -19.68 -4.62 -5.11
C LEU A 234 -21.01 -4.30 -5.82
N ARG A 235 -21.74 -5.34 -6.22
CA ARG A 235 -23.07 -5.13 -6.81
C ARG A 235 -24.05 -4.56 -5.80
N ARG A 236 -24.01 -5.08 -4.58
CA ARG A 236 -24.84 -4.54 -3.49
C ARG A 236 -24.51 -3.09 -3.20
N LEU A 237 -23.21 -2.79 -3.09
CA LEU A 237 -22.75 -1.42 -2.88
C LEU A 237 -23.22 -0.50 -4.02
N LYS A 238 -22.93 -0.87 -5.26
CA LYS A 238 -23.35 -0.06 -6.42
C LYS A 238 -24.85 0.25 -6.41
N ASN A 239 -25.66 -0.76 -6.08
CA ASN A 239 -27.11 -0.60 -5.93
C ASN A 239 -27.57 0.41 -4.88
N LYS A 240 -26.79 0.59 -3.82
CA LYS A 240 -27.16 1.51 -2.73
C LYS A 240 -26.70 2.96 -2.94
N ILE A 241 -25.61 3.15 -3.70
CA ILE A 241 -24.94 4.46 -3.70
C ILE A 241 -25.30 5.33 -4.91
N GLY A 242 -26.12 4.78 -5.79
CA GLY A 242 -26.47 5.47 -7.02
C GLY A 242 -25.27 5.54 -7.94
N ASN A 243 -24.92 6.75 -8.35
CA ASN A 243 -23.91 6.95 -9.38
C ASN A 243 -22.52 7.30 -8.85
N LYS A 244 -22.38 7.29 -7.51
CA LYS A 244 -21.10 7.54 -6.85
C LYS A 244 -20.06 6.54 -7.31
N HIS A 245 -18.79 6.94 -7.31
CA HIS A 245 -17.69 6.07 -7.77
C HIS A 245 -17.36 4.94 -6.79
N ILE A 246 -16.80 3.86 -7.33
CA ILE A 246 -16.26 2.75 -6.52
C ILE A 246 -14.87 2.37 -7.03
N PHE A 247 -13.89 2.52 -6.14
CA PHE A 247 -12.52 2.06 -6.38
C PHE A 247 -12.17 1.00 -5.36
N VAL A 248 -11.41 -0.01 -5.79
CA VAL A 248 -10.99 -1.05 -4.85
C VAL A 248 -9.49 -1.03 -4.65
N GLU A 249 -9.06 -1.34 -3.43
CA GLU A 249 -7.68 -1.67 -3.22
C GLU A 249 -7.52 -3.14 -3.61
N LYS A 250 -6.78 -3.39 -4.69
CA LYS A 250 -6.60 -4.74 -5.21
C LYS A 250 -5.30 -4.79 -6.02
N ILE A 251 -4.47 -5.76 -5.70
CA ILE A 251 -3.18 -5.93 -6.39
C ILE A 251 -3.31 -6.87 -7.59
N LEU A 252 -3.03 -6.32 -8.77
CA LEU A 252 -3.07 -7.08 -10.01
C LEU A 252 -1.67 -7.55 -10.43
N SER A 253 -1.62 -8.73 -11.02
CA SER A 253 -0.38 -9.21 -11.67
C SER A 253 -0.29 -8.59 -13.07
N ILE A 254 0.94 -8.49 -13.60
CA ILE A 254 1.14 -8.03 -14.97
C ILE A 254 0.31 -8.92 -15.92
N GLY A 255 -0.49 -8.27 -16.77
CA GLY A 255 -1.39 -8.99 -17.67
C GLY A 255 -2.72 -9.37 -17.04
N GLU A 256 -2.86 -9.21 -15.73
CA GLU A 256 -4.13 -9.50 -15.06
C GLU A 256 -5.10 -8.32 -15.15
N LYS A 257 -6.34 -8.62 -15.54
CA LYS A 257 -7.41 -7.61 -15.64
C LYS A 257 -8.26 -7.63 -14.38
N LEU A 258 -8.66 -6.44 -13.91
CA LEU A 258 -9.65 -6.33 -12.83
C LEU A 258 -10.89 -7.12 -13.20
N ARG A 259 -11.35 -7.99 -12.29
CA ARG A 259 -12.44 -8.93 -12.59
C ARG A 259 -13.81 -8.24 -12.79
N TRP A 260 -13.95 -7.03 -12.23
CA TRP A 260 -15.25 -6.37 -12.11
C TRP A 260 -15.33 -5.11 -12.96
N ASP A 261 -16.02 -5.22 -14.09
CA ASP A 261 -16.06 -4.18 -15.12
C ASP A 261 -17.05 -3.07 -14.79
N PHE A 262 -17.85 -3.26 -13.75
CA PHE A 262 -18.97 -2.38 -13.41
C PHE A 262 -18.63 -1.43 -12.26
N ILE A 263 -17.36 -1.42 -11.84
CA ILE A 263 -16.85 -0.42 -10.92
C ILE A 263 -15.81 0.44 -11.64
N ASP A 264 -15.29 1.47 -10.98
CA ASP A 264 -14.42 2.46 -11.64
C ASP A 264 -12.94 2.06 -11.79
N GLY A 265 -12.48 1.14 -10.95
CA GLY A 265 -11.12 0.65 -11.06
C GLY A 265 -10.47 0.39 -9.71
N THR A 266 -9.15 0.50 -9.68
CA THR A 266 -8.37 0.25 -8.46
C THR A 266 -7.65 1.51 -7.99
N THR A 267 -6.97 1.41 -6.84
CA THR A 267 -6.16 2.50 -6.32
C THR A 267 -4.79 2.64 -7.01
N GLY A 268 -4.55 1.80 -8.02
CA GLY A 268 -3.54 2.10 -9.03
C GLY A 268 -2.11 1.59 -8.88
N TYR A 269 -1.95 0.43 -8.24
CA TYR A 269 -0.64 -0.21 -8.15
C TYR A 269 -0.19 -0.74 -9.51
N ASP A 270 -1.14 -0.95 -10.43
CA ASP A 270 -0.79 -1.31 -11.80
C ASP A 270 0.00 -0.18 -12.47
N PHE A 271 -0.53 1.04 -12.40
CA PHE A 271 0.17 2.19 -12.96
C PHE A 271 1.49 2.42 -12.25
N LEU A 272 1.48 2.30 -10.92
CA LEU A 272 2.70 2.48 -10.12
C LEU A 272 3.82 1.61 -10.67
N ASN A 273 3.50 0.34 -10.91
CA ASN A 273 4.55 -0.57 -11.33
CA ASN A 273 4.45 -0.69 -11.34
C ASN A 273 4.94 -0.49 -12.78
N TYR A 274 3.97 -0.32 -13.69
CA TYR A 274 4.28 -0.09 -15.11
C TYR A 274 5.16 1.15 -15.31
N SER A 275 4.80 2.26 -14.67
CA SER A 275 5.62 3.47 -14.75
C SER A 275 6.99 3.34 -14.05
N ASN A 276 7.02 2.64 -12.91
CA ASN A 276 8.27 2.40 -12.18
C ASN A 276 9.30 1.71 -13.08
N LEU A 277 8.81 0.80 -13.92
CA LEU A 277 9.66 -0.06 -14.76
C LEU A 277 10.31 0.67 -15.94
N LEU A 278 9.94 1.94 -16.11
CA LEU A 278 10.47 2.77 -17.19
C LEU A 278 11.79 3.46 -16.83
N PHE A 279 12.15 3.48 -15.56
CA PHE A 279 13.24 4.34 -15.08
C PHE A 279 14.56 3.63 -14.75
N THR A 280 14.57 2.31 -14.96
CA THR A 280 15.74 1.48 -14.66
C THR A 280 16.66 1.39 -15.89
N ASP A 281 17.94 1.12 -15.64
CA ASP A 281 18.96 1.07 -16.70
C ASP A 281 19.92 -0.09 -16.37
N ASN A 282 20.71 -0.50 -17.36
CA ASN A 282 21.85 -1.41 -17.13
C ASN A 282 21.54 -2.69 -16.36
N GLU A 283 20.53 -3.42 -16.82
CA GLU A 283 20.14 -4.67 -16.18
C GLU A 283 21.29 -5.65 -16.01
N ASP A 284 22.04 -5.88 -17.08
CA ASP A 284 23.16 -6.84 -17.08
CA ASP A 284 23.15 -6.83 -17.07
C ASP A 284 24.19 -6.51 -16.01
N LYS A 285 24.66 -5.25 -15.99
CA LYS A 285 25.65 -4.83 -15.01
C LYS A 285 25.14 -4.92 -13.56
N MET A 286 23.91 -4.43 -13.34
CA MET A 286 23.31 -4.50 -12.01
C MET A 286 23.06 -5.95 -11.55
N THR A 287 22.67 -6.80 -12.49
CA THR A 287 22.49 -8.24 -12.22
C THR A 287 23.83 -8.90 -11.85
N GLU A 288 24.89 -8.54 -12.57
CA GLU A 288 26.23 -9.10 -12.34
CA GLU A 288 26.19 -9.14 -12.31
C GLU A 288 26.76 -8.69 -10.97
N ILE A 289 26.56 -7.41 -10.62
CA ILE A 289 26.98 -6.89 -9.32
C ILE A 289 26.29 -7.67 -8.19
N TYR A 290 24.98 -7.88 -8.31
CA TYR A 290 24.22 -8.58 -7.28
C TYR A 290 24.55 -10.08 -7.17
N LYS A 291 24.91 -10.71 -8.30
CA LYS A 291 25.32 -12.11 -8.32
CA LYS A 291 25.32 -12.11 -8.32
C LYS A 291 26.43 -12.38 -7.30
N ASN A 292 27.32 -11.41 -7.13
CA ASN A 292 28.45 -11.51 -6.20
C ASN A 292 28.15 -11.17 -4.74
N ILE A 293 26.97 -10.60 -4.50
CA ILE A 293 26.54 -10.30 -3.14
C ILE A 293 25.68 -11.47 -2.63
N LEU A 294 24.70 -11.87 -3.44
CA LEU A 294 23.83 -12.99 -3.12
C LEU A 294 23.25 -13.58 -4.40
N ASP A 295 23.62 -14.82 -4.69
CA ASP A 295 23.13 -15.51 -5.86
C ASP A 295 22.10 -16.54 -5.43
N ILE A 296 20.82 -16.24 -5.70
CA ILE A 296 19.72 -17.16 -5.41
C ILE A 296 18.68 -17.17 -6.54
N ASP A 297 17.90 -18.24 -6.61
CA ASP A 297 16.81 -18.33 -7.57
C ASP A 297 15.58 -17.65 -6.97
N LEU A 298 15.02 -16.68 -7.70
CA LEU A 298 13.85 -15.94 -7.25
C LEU A 298 12.62 -16.83 -7.04
N ASP A 299 12.28 -17.65 -8.04
CA ASP A 299 11.13 -18.56 -7.95
C ASP A 299 11.22 -19.52 -6.76
N GLU A 300 12.39 -20.12 -6.55
CA GLU A 300 12.60 -20.99 -5.40
C GLU A 300 12.39 -20.24 -4.09
N LEU A 301 13.00 -19.05 -3.99
CA LEU A 301 12.81 -18.17 -2.84
C LEU A 301 11.35 -17.83 -2.58
N VAL A 302 10.62 -17.44 -3.63
CA VAL A 302 9.21 -17.09 -3.49
C VAL A 302 8.39 -18.29 -3.03
N LYS A 303 8.56 -19.45 -3.69
CA LYS A 303 7.81 -20.66 -3.37
C LYS A 303 8.03 -21.13 -1.93
N GLU A 304 9.29 -21.13 -1.50
CA GLU A 304 9.65 -21.58 -0.17
C GLU A 304 9.17 -20.59 0.90
N THR A 305 9.24 -19.31 0.59
CA THR A 305 8.78 -18.26 1.51
C THR A 305 7.28 -18.37 1.73
N LYS A 306 6.54 -18.61 0.65
CA LYS A 306 5.09 -18.82 0.74
C LYS A 306 4.73 -20.01 1.62
N LYS A 307 5.44 -21.12 1.45
CA LYS A 307 5.22 -22.32 2.28
C LYS A 307 5.53 -22.03 3.75
N LYS A 308 6.62 -21.32 4.00
CA LYS A 308 7.03 -20.94 5.34
C LYS A 308 5.99 -20.01 6.02
N ILE A 309 5.51 -19.03 5.27
CA ILE A 309 4.47 -18.11 5.74
C ILE A 309 3.21 -18.86 6.16
N ILE A 310 2.78 -19.83 5.36
CA ILE A 310 1.62 -20.66 5.66
C ILE A 310 1.83 -21.44 6.97
N ASP A 311 2.98 -22.10 7.11
CA ASP A 311 3.30 -22.86 8.33
C ASP A 311 3.37 -22.00 9.60
N THR A 312 3.96 -20.81 9.47
CA THR A 312 4.25 -19.96 10.63
C THR A 312 3.09 -19.03 11.01
N LEU A 313 2.30 -18.61 10.03
CA LEU A 313 1.23 -17.61 10.26
C LEU A 313 -0.19 -18.13 10.10
N PHE A 314 -0.38 -19.09 9.19
CA PHE A 314 -1.73 -19.49 8.81
C PHE A 314 -2.01 -20.98 8.93
N LYS A 315 -1.23 -21.70 9.73
CA LYS A 315 -1.33 -23.17 9.74
C LYS A 315 -2.74 -23.66 10.09
N HIS A 316 -3.30 -23.19 11.22
CA HIS A 316 -4.64 -23.61 11.62
C HIS A 316 -5.69 -23.19 10.59
N ASP A 317 -5.59 -21.96 10.10
CA ASP A 317 -6.57 -21.43 9.13
C ASP A 317 -6.65 -22.31 7.89
N ILE A 318 -5.49 -22.75 7.41
CA ILE A 318 -5.39 -23.55 6.19
C ILE A 318 -5.73 -25.02 6.43
N GLU A 319 -5.26 -25.57 7.56
CA GLU A 319 -5.58 -26.95 7.98
C GLU A 319 -7.08 -27.19 7.99
N ARG A 320 -7.82 -26.27 8.59
CA ARG A 320 -9.29 -26.30 8.65
C ARG A 320 -9.93 -26.50 7.30
N ILE A 321 -9.53 -25.66 6.34
CA ILE A 321 -10.12 -25.67 5.00
C ILE A 321 -9.65 -26.88 4.21
N SER A 322 -8.40 -27.27 4.41
CA SER A 322 -7.86 -28.48 3.80
C SER A 322 -8.72 -29.69 4.18
N MET A 323 -9.04 -29.79 5.46
CA MET A 323 -9.97 -30.81 5.95
C MET A 323 -11.33 -30.75 5.27
N MET A 324 -11.85 -29.54 5.04
CA MET A 324 -13.15 -29.38 4.37
C MET A 324 -13.11 -29.87 2.94
N LEU A 325 -11.99 -29.60 2.27
CA LEU A 325 -11.79 -29.92 0.86
C LEU A 325 -11.45 -31.39 0.63
N GLY A 326 -11.09 -32.10 1.68
CA GLY A 326 -10.65 -33.50 1.57
C GLY A 326 -9.31 -33.63 0.87
N VAL A 327 -8.48 -32.60 0.97
CA VAL A 327 -7.13 -32.60 0.45
C VAL A 327 -6.21 -32.34 1.65
N ASN A 328 -5.08 -33.05 1.73
CA ASN A 328 -4.20 -32.89 2.88
C ASN A 328 -3.49 -31.54 2.93
N TYR A 329 -3.23 -31.06 4.14
CA TYR A 329 -2.61 -29.75 4.39
C TYR A 329 -1.37 -29.47 3.54
N GLU A 330 -0.46 -30.45 3.46
CA GLU A 330 0.79 -30.27 2.72
C GLU A 330 0.56 -29.99 1.23
N GLU A 331 -0.48 -30.62 0.66
CA GLU A 331 -0.86 -30.38 -0.75
C GLU A 331 -1.53 -29.02 -0.98
N ILE A 332 -2.36 -28.59 -0.03
CA ILE A 332 -3.00 -27.27 -0.15
C ILE A 332 -1.95 -26.18 0.03
N LYS A 333 -1.05 -26.37 0.99
CA LYS A 333 0.08 -25.46 1.20
C LYS A 333 0.94 -25.33 -0.06
N GLU A 334 1.17 -26.45 -0.74
CA GLU A 334 1.95 -26.45 -1.97
C GLU A 334 1.20 -25.73 -3.09
N PHE A 335 -0.09 -26.04 -3.23
CA PHE A 335 -0.97 -25.35 -4.18
C PHE A 335 -0.96 -23.82 -3.97
N LEU A 336 -1.11 -23.37 -2.73
CA LEU A 336 -1.09 -21.94 -2.44
C LEU A 336 0.24 -21.28 -2.83
N SER A 337 1.34 -22.01 -2.65
CA SER A 337 2.68 -21.50 -3.00
C SER A 337 2.93 -21.48 -4.51
N CYS A 338 2.04 -22.13 -5.26
CA CYS A 338 2.12 -22.20 -6.72
C CYS A 338 1.41 -21.02 -7.41
N LEU A 339 0.42 -20.43 -6.74
CA LEU A 339 -0.36 -19.35 -7.34
C LEU A 339 0.48 -18.12 -7.69
N LYS A 340 0.19 -17.56 -8.86
CA LYS A 340 0.94 -16.41 -9.36
C LYS A 340 0.09 -15.13 -9.32
N VAL A 341 -1.11 -15.24 -8.74
CA VAL A 341 -2.02 -14.11 -8.51
C VAL A 341 -2.41 -14.02 -7.02
N TYR A 342 -2.88 -12.86 -6.58
CA TYR A 342 -3.33 -12.67 -5.20
C TYR A 342 -4.45 -13.62 -4.77
N ARG A 343 -5.38 -13.89 -5.69
CA ARG A 343 -6.46 -14.85 -5.44
C ARG A 343 -7.29 -15.10 -6.69
N THR A 344 -8.05 -16.18 -6.64
CA THR A 344 -9.00 -16.51 -7.68
C THR A 344 -10.38 -16.09 -7.19
N TYR A 345 -11.35 -16.09 -8.10
CA TYR A 345 -12.71 -15.65 -7.80
C TYR A 345 -13.75 -16.64 -8.30
N ILE A 346 -13.60 -17.90 -7.89
CA ILE A 346 -14.66 -18.89 -8.02
C ILE A 346 -15.86 -18.46 -7.18
N THR A 347 -17.05 -18.63 -7.75
CA THR A 347 -18.31 -18.58 -7.01
C THR A 347 -19.11 -19.83 -7.41
N GLU A 348 -20.28 -20.02 -6.80
N GLU A 348 -20.29 -20.01 -6.79
CA GLU A 348 -21.12 -21.18 -7.08
CA GLU A 348 -21.15 -21.15 -7.06
C GLU A 348 -21.60 -21.24 -8.54
C GLU A 348 -21.77 -21.16 -8.48
N ASN A 349 -21.53 -20.10 -9.25
CA ASN A 349 -21.92 -20.06 -10.67
C ASN A 349 -20.91 -19.35 -11.59
N ASP A 350 -19.65 -19.33 -11.17
CA ASP A 350 -18.58 -18.72 -11.98
C ASP A 350 -17.27 -19.49 -11.79
N PHE A 351 -16.92 -20.27 -12.81
CA PHE A 351 -15.75 -21.13 -12.75
C PHE A 351 -14.65 -20.75 -13.72
N ARG A 352 -14.63 -19.47 -14.10
CA ARG A 352 -13.60 -18.94 -15.01
C ARG A 352 -12.18 -19.22 -14.56
N ASP A 353 -11.95 -19.20 -13.25
CA ASP A 353 -10.61 -19.35 -12.71
C ASP A 353 -10.15 -20.80 -12.56
N GLU A 354 -10.97 -21.75 -13.05
CA GLU A 354 -10.68 -23.18 -12.81
C GLU A 354 -9.40 -23.69 -13.47
N GLU A 355 -8.98 -23.07 -14.57
CA GLU A 355 -7.74 -23.47 -15.23
C GLU A 355 -6.49 -22.94 -14.52
N ILE A 356 -6.59 -21.75 -13.91
CA ILE A 356 -5.56 -21.24 -13.02
C ILE A 356 -5.34 -22.24 -11.88
N ILE A 357 -6.44 -22.71 -11.28
CA ILE A 357 -6.42 -23.69 -10.22
C ILE A 357 -5.86 -25.04 -10.70
N ARG A 358 -6.42 -25.54 -11.80
CA ARG A 358 -5.98 -26.81 -12.39
C ARG A 358 -4.48 -26.82 -12.74
N ASN A 359 -3.99 -25.71 -13.31
CA ASN A 359 -2.57 -25.53 -13.65
CA ASN A 359 -2.57 -25.59 -13.66
C ASN A 359 -1.63 -25.78 -12.47
N CYS A 360 -2.10 -25.45 -11.28
CA CYS A 360 -1.33 -25.67 -10.06
C CYS A 360 -1.56 -27.06 -9.48
N SER A 361 -2.81 -27.53 -9.50
CA SER A 361 -3.11 -28.87 -9.02
C SER A 361 -4.43 -29.43 -9.53
N GLN A 362 -4.33 -30.59 -10.19
CA GLN A 362 -5.47 -31.34 -10.65
C GLN A 362 -6.39 -31.77 -9.50
N LYS A 363 -5.80 -32.27 -8.41
N LYS A 363 -5.79 -32.27 -8.42
CA LYS A 363 -6.55 -32.71 -7.24
CA LYS A 363 -6.55 -32.71 -7.24
C LYS A 363 -7.31 -31.57 -6.56
C LYS A 363 -7.31 -31.57 -6.56
N VAL A 364 -6.67 -30.41 -6.47
CA VAL A 364 -7.29 -29.22 -5.83
C VAL A 364 -8.50 -28.73 -6.67
N TYR A 365 -8.31 -28.67 -7.98
CA TYR A 365 -9.39 -28.37 -8.93
C TYR A 365 -10.58 -29.32 -8.73
N GLU A 366 -10.29 -30.62 -8.65
CA GLU A 366 -11.33 -31.63 -8.41
C GLU A 366 -12.06 -31.42 -7.08
N SER A 367 -11.31 -31.08 -6.04
CA SER A 367 -11.87 -30.82 -4.70
C SER A 367 -12.73 -29.55 -4.68
N MET A 368 -12.33 -28.55 -5.47
CA MET A 368 -13.10 -27.32 -5.63
C MET A 368 -14.48 -27.62 -6.23
N LYS A 369 -14.53 -28.44 -7.28
CA LYS A 369 -15.81 -28.77 -7.93
C LYS A 369 -16.75 -29.52 -6.98
N LYS A 370 -16.17 -30.32 -6.08
CA LYS A 370 -16.95 -31.09 -5.13
C LYS A 370 -17.38 -30.28 -3.90
N ASN A 371 -16.56 -29.29 -3.53
CA ASN A 371 -16.78 -28.47 -2.35
CA ASN A 371 -16.86 -28.44 -2.37
C ASN A 371 -16.51 -27.00 -2.67
N VAL A 372 -17.41 -26.35 -3.42
CA VAL A 372 -17.16 -24.99 -3.90
C VAL A 372 -17.06 -23.97 -2.76
N THR A 373 -17.93 -24.12 -1.77
CA THR A 373 -17.99 -23.23 -0.62
C THR A 373 -16.67 -23.25 0.17
N ALA A 374 -16.16 -24.46 0.42
CA ALA A 374 -14.85 -24.63 1.05
C ALA A 374 -13.73 -23.96 0.28
N PHE A 375 -13.74 -24.11 -1.05
CA PHE A 375 -12.69 -23.50 -1.86
C PHE A 375 -12.80 -21.97 -1.83
N MET A 376 -14.04 -21.48 -1.80
CA MET A 376 -14.29 -20.04 -1.70
C MET A 376 -13.74 -19.46 -0.37
N LYS A 377 -13.77 -20.27 0.69
CA LYS A 377 -13.10 -19.92 1.96
C LYS A 377 -11.59 -19.83 1.76
N LEU A 378 -11.02 -20.81 1.07
CA LEU A 378 -9.58 -20.81 0.76
C LEU A 378 -9.15 -19.52 0.03
N GLN A 379 -10.01 -19.04 -0.87
CA GLN A 379 -9.74 -17.82 -1.64
C GLN A 379 -9.49 -16.59 -0.77
N GLN A 380 -10.13 -16.55 0.40
CA GLN A 380 -9.98 -15.42 1.33
C GLN A 380 -8.59 -15.35 1.98
N TYR A 381 -7.86 -16.47 1.97
CA TYR A 381 -6.52 -16.52 2.55
C TYR A 381 -5.42 -16.37 1.51
N MET A 382 -5.77 -16.59 0.25
CA MET A 382 -4.83 -16.43 -0.86
C MET A 382 -4.10 -15.07 -0.87
N PRO A 383 -4.84 -13.94 -0.68
CA PRO A 383 -4.10 -12.66 -0.64
C PRO A 383 -3.18 -12.51 0.58
N ALA A 384 -3.55 -13.12 1.71
CA ALA A 384 -2.72 -13.08 2.91
C ALA A 384 -1.40 -13.82 2.68
N VAL A 385 -1.46 -14.96 2.00
CA VAL A 385 -0.26 -15.70 1.65
C VAL A 385 0.64 -14.84 0.77
N PHE A 386 0.09 -14.31 -0.32
CA PHE A 386 0.84 -13.48 -1.25
C PHE A 386 1.44 -12.24 -0.57
N ALA A 387 0.62 -11.48 0.17
CA ALA A 387 1.12 -10.26 0.82
C ALA A 387 2.18 -10.54 1.89
N LYS A 388 1.92 -11.51 2.76
CA LYS A 388 2.86 -11.76 3.84
C LYS A 388 4.18 -12.37 3.34
N ALA A 389 4.10 -13.24 2.34
CA ALA A 389 5.31 -13.87 1.77
C ALA A 389 6.06 -12.97 0.78
N TYR A 390 5.33 -12.39 -0.17
CA TYR A 390 5.98 -11.55 -1.19
C TYR A 390 6.25 -10.12 -0.73
N GLU A 391 5.19 -9.35 -0.45
CA GLU A 391 5.36 -7.96 -0.02
C GLU A 391 6.18 -7.82 1.26
N ASP A 392 5.93 -8.69 2.24
CA ASP A 392 6.50 -8.50 3.56
C ASP A 392 7.69 -9.40 3.91
N THR A 393 8.17 -10.17 2.93
CA THR A 393 9.38 -10.97 3.14
C THR A 393 10.31 -10.88 1.94
N VAL A 394 9.85 -11.40 0.80
CA VAL A 394 10.65 -11.44 -0.44
C VAL A 394 11.18 -10.06 -0.84
N LEU A 395 10.34 -9.03 -0.71
CA LEU A 395 10.73 -7.66 -1.06
C LEU A 395 11.85 -7.11 -0.18
N PHE A 396 12.13 -7.78 0.93
CA PHE A 396 13.21 -7.36 1.82
C PHE A 396 14.44 -8.28 1.73
N ILE A 397 14.41 -9.25 0.81
CA ILE A 397 15.55 -10.17 0.62
C ILE A 397 16.25 -9.98 -0.72
N TYR A 398 15.50 -9.98 -1.82
CA TYR A 398 16.08 -9.91 -3.17
C TYR A 398 16.49 -8.47 -3.53
N ASN A 399 17.76 -8.14 -3.27
CA ASN A 399 18.21 -6.74 -3.27
C ASN A 399 18.95 -6.21 -4.49
N ARG A 400 18.74 -6.82 -5.66
CA ARG A 400 19.39 -6.36 -6.91
C ARG A 400 19.24 -4.86 -7.13
N LEU A 401 18.00 -4.37 -7.09
CA LEU A 401 17.72 -2.96 -7.21
C LEU A 401 16.38 -2.71 -6.51
N ILE A 402 16.43 -2.18 -5.29
CA ILE A 402 15.27 -2.17 -4.39
C ILE A 402 14.18 -1.13 -4.73
N SER A 403 14.48 -0.25 -5.69
CA SER A 403 13.45 0.60 -6.29
C SER A 403 12.35 -0.25 -6.94
N LEU A 404 12.70 -1.48 -7.31
CA LEU A 404 11.75 -2.43 -7.88
C LEU A 404 11.03 -3.26 -6.83
N ASN A 405 11.37 -3.05 -5.56
CA ASN A 405 10.87 -3.89 -4.48
C ASN A 405 9.67 -3.21 -3.83
N GLU A 406 8.56 -3.21 -4.55
CA GLU A 406 7.42 -2.38 -4.23
C GLU A 406 6.14 -3.20 -4.27
N VAL A 407 5.13 -2.76 -3.53
CA VAL A 407 3.81 -3.36 -3.58
C VAL A 407 3.32 -3.33 -5.04
N GLY A 408 2.87 -4.47 -5.54
CA GLY A 408 2.39 -4.57 -6.93
C GLY A 408 3.45 -4.99 -7.92
N SER A 409 4.68 -5.15 -7.44
CA SER A 409 5.83 -5.51 -8.26
C SER A 409 6.01 -7.02 -8.42
N ASP A 410 6.44 -7.41 -9.62
CA ASP A 410 6.83 -8.79 -9.93
C ASP A 410 8.33 -8.72 -10.20
N LEU A 411 9.12 -9.30 -9.29
CA LEU A 411 10.59 -9.17 -9.37
C LEU A 411 11.27 -9.87 -10.56
N HIS A 412 10.47 -10.57 -11.38
CA HIS A 412 10.95 -11.07 -12.67
C HIS A 412 11.20 -9.90 -13.62
N TYR A 413 10.46 -8.82 -13.39
CA TYR A 413 10.55 -7.64 -14.23
C TYR A 413 11.53 -6.62 -13.69
N TYR A 414 12.50 -6.28 -14.52
CA TYR A 414 13.52 -5.28 -14.18
C TYR A 414 13.24 -3.98 -14.91
N SER A 415 12.80 -4.09 -16.15
CA SER A 415 12.46 -2.92 -16.97
C SER A 415 11.35 -3.29 -17.95
N ILE A 416 10.68 -2.27 -18.47
CA ILE A 416 9.83 -2.41 -19.65
C ILE A 416 10.13 -1.30 -20.64
N SER A 417 9.85 -1.55 -21.92
CA SER A 417 10.07 -0.53 -22.93
C SER A 417 9.00 0.54 -22.82
N CYS A 418 9.30 1.71 -23.39
CA CYS A 418 8.32 2.76 -23.48
C CYS A 418 7.08 2.24 -24.25
N ASP A 419 7.31 1.43 -25.29
CA ASP A 419 6.22 0.83 -26.07
C ASP A 419 5.31 -0.10 -25.27
N LYS A 420 5.87 -0.84 -24.32
CA LYS A 420 5.05 -1.70 -23.44
C LYS A 420 4.21 -0.84 -22.49
N PHE A 421 4.77 0.28 -22.05
CA PHE A 421 4.00 1.26 -21.28
C PHE A 421 2.84 1.85 -22.10
N HIS A 422 3.11 2.16 -23.37
CA HIS A 422 2.06 2.64 -24.29
C HIS A 422 0.92 1.65 -24.50
N GLU A 423 1.25 0.36 -24.60
CA GLU A 423 0.24 -0.70 -24.79
C GLU A 423 -0.71 -0.72 -23.59
N PHE A 424 -0.14 -0.61 -22.40
CA PHE A 424 -0.88 -0.46 -21.13
C PHE A 424 -1.83 0.76 -21.17
N ASN A 425 -1.28 1.94 -21.46
CA ASN A 425 -2.08 3.17 -21.56
C ASN A 425 -3.16 3.16 -22.65
N LEU A 426 -2.84 2.59 -23.82
CA LEU A 426 -3.81 2.54 -24.93
C LEU A 426 -5.11 1.87 -24.53
N LYS A 427 -5.00 0.77 -23.78
CA LYS A 427 -6.17 0.04 -23.31
C LYS A 427 -6.93 0.77 -22.19
N ARG A 428 -6.31 1.81 -21.65
CA ARG A 428 -6.86 2.55 -20.50
C ARG A 428 -7.64 3.83 -20.82
N VAL A 429 -7.71 4.20 -22.10
CA VAL A 429 -8.46 5.40 -22.48
C VAL A 429 -9.92 5.27 -22.00
N GLY A 430 -10.38 6.31 -21.31
CA GLY A 430 -11.72 6.32 -20.70
C GLY A 430 -11.79 5.81 -19.26
N THR A 431 -10.69 5.28 -18.74
CA THR A 431 -10.73 4.75 -17.38
C THR A 431 -10.66 5.85 -16.33
N LEU A 432 -11.32 5.61 -15.21
CA LEU A 432 -11.12 6.46 -14.02
C LEU A 432 -10.21 5.81 -12.99
N SER A 433 -9.67 4.63 -13.30
CA SER A 433 -8.77 3.93 -12.38
C SER A 433 -7.56 4.82 -12.06
N PHE A 434 -7.07 4.74 -10.82
CA PHE A 434 -6.03 5.66 -10.32
C PHE A 434 -4.67 5.45 -11.00
N ASN A 435 -3.96 6.55 -11.25
CA ASN A 435 -2.54 6.51 -11.56
C ASN A 435 -1.81 6.82 -10.26
N ALA A 436 -1.38 5.76 -9.55
CA ALA A 436 -0.72 5.95 -8.24
C ALA A 436 0.80 5.86 -8.37
N THR A 437 1.51 6.62 -7.54
CA THR A 437 2.98 6.56 -7.50
C THR A 437 3.55 6.43 -6.07
N SER A 438 2.80 6.91 -5.08
CA SER A 438 3.09 6.67 -3.65
C SER A 438 1.78 6.44 -2.91
N THR A 439 1.82 5.57 -1.92
CA THR A 439 0.67 5.38 -1.03
C THR A 439 1.12 5.25 0.43
N HIS A 440 0.14 5.15 1.33
CA HIS A 440 0.38 4.86 2.74
C HIS A 440 0.92 3.46 3.02
N ASP A 441 0.88 2.58 2.00
CA ASP A 441 1.38 1.20 2.11
C ASP A 441 2.56 0.85 1.20
N THR A 442 3.03 1.79 0.39
CA THR A 442 4.20 1.49 -0.45
C THR A 442 5.45 1.39 0.43
N LYS A 443 6.38 0.54 0.02
CA LYS A 443 7.64 0.36 0.75
C LYS A 443 8.46 1.65 0.76
N PHE A 444 8.37 2.41 -0.33
CA PHE A 444 9.07 3.68 -0.50
C PHE A 444 8.13 4.70 -1.13
N SER A 445 8.44 5.99 -0.99
CA SER A 445 7.79 7.02 -1.79
C SER A 445 8.40 7.01 -3.19
N GLU A 446 7.66 7.58 -4.16
CA GLU A 446 8.11 7.68 -5.56
C GLU A 446 9.53 8.27 -5.71
N ASP A 447 9.83 9.32 -4.93
CA ASP A 447 11.10 10.04 -5.07
C ASP A 447 12.32 9.25 -4.58
N VAL A 448 12.09 8.40 -3.59
CA VAL A 448 13.08 7.39 -3.17
C VAL A 448 13.36 6.40 -4.32
N ARG A 449 12.28 5.81 -4.87
CA ARG A 449 12.43 4.89 -6.00
C ARG A 449 13.18 5.52 -7.18
N MET A 450 12.89 6.80 -7.46
CA MET A 450 13.55 7.49 -8.59
C MET A 450 15.05 7.67 -8.35
N ARG A 451 15.41 7.98 -7.11
CA ARG A 451 16.82 8.05 -6.70
C ARG A 451 17.53 6.71 -6.84
N ILE A 452 16.92 5.64 -6.32
CA ILE A 452 17.56 4.32 -6.36
C ILE A 452 17.71 3.81 -7.80
N SER A 453 16.68 4.02 -8.62
CA SER A 453 16.76 3.66 -10.04
C SER A 453 17.84 4.46 -10.77
N ALA A 454 18.09 5.69 -10.33
CA ALA A 454 19.15 6.51 -10.92
C ALA A 454 20.55 5.90 -10.69
N ILE A 455 20.70 5.15 -9.61
CA ILE A 455 21.93 4.36 -9.37
C ILE A 455 22.26 3.47 -10.59
N SER A 456 21.24 2.79 -11.12
CA SER A 456 21.41 1.87 -12.26
C SER A 456 21.87 2.55 -13.57
N GLU A 457 21.82 3.88 -13.61
CA GLU A 457 22.32 4.64 -14.77
C GLU A 457 23.84 4.79 -14.73
N ILE A 458 24.41 4.67 -13.54
CA ILE A 458 25.86 4.83 -13.35
C ILE A 458 26.45 3.65 -12.56
N PRO A 459 26.28 2.41 -13.06
CA PRO A 459 26.60 1.22 -12.25
C PRO A 459 28.09 1.02 -11.99
N ASP A 460 28.93 1.50 -12.90
CA ASP A 460 30.39 1.42 -12.70
C ASP A 460 30.83 2.30 -11.52
N GLU A 461 30.31 3.53 -11.48
CA GLU A 461 30.56 4.45 -10.37
C GLU A 461 30.00 3.90 -9.05
N TRP A 462 28.79 3.34 -9.13
CA TRP A 462 28.13 2.70 -7.99
C TRP A 462 28.98 1.57 -7.41
N ALA A 463 29.42 0.65 -8.27
CA ALA A 463 30.25 -0.47 -7.85
C ALA A 463 31.53 0.02 -7.17
N LYS A 464 32.11 1.08 -7.73
CA LYS A 464 33.30 1.71 -7.19
C LYS A 464 33.05 2.30 -5.79
N LYS A 465 31.93 2.99 -5.62
CA LYS A 465 31.60 3.61 -4.33
C LYS A 465 31.29 2.56 -3.25
N VAL A 466 30.55 1.52 -3.63
CA VAL A 466 30.19 0.42 -2.72
C VAL A 466 31.44 -0.26 -2.14
N ASN A 467 32.41 -0.54 -3.00
CA ASN A 467 33.70 -1.10 -2.57
C ASN A 467 34.46 -0.15 -1.65
N GLU A 468 34.57 1.10 -2.07
CA GLU A 468 35.21 2.15 -1.30
C GLU A 468 34.59 2.30 0.10
N TRP A 469 33.25 2.32 0.16
CA TRP A 469 32.54 2.45 1.43
C TRP A 469 32.76 1.24 2.33
N HIS A 470 32.77 0.05 1.72
CA HIS A 470 33.01 -1.19 2.44
C HIS A 470 34.37 -1.14 3.14
N ASN A 471 35.38 -0.66 2.41
CA ASN A 471 36.75 -0.53 2.94
C ASN A 471 36.91 0.53 4.01
N ILE A 472 36.15 1.62 3.89
CA ILE A 472 36.16 2.67 4.90
C ILE A 472 35.52 2.18 6.21
N LEU A 473 34.34 1.58 6.10
CA LEU A 473 33.51 1.27 7.27
C LEU A 473 33.78 -0.11 7.90
N ASN A 474 34.37 -1.03 7.15
N ASN A 474 34.43 -1.10 7.10
CA ASN A 474 34.60 -2.40 7.60
CA ASN A 474 34.53 -2.46 7.53
C ASN A 474 33.38 -2.99 8.34
C ASN A 474 33.35 -2.98 8.34
N PRO A 475 32.23 -3.11 7.64
CA PRO A 475 31.00 -3.59 8.31
C PRO A 475 31.07 -5.07 8.72
N ASN A 476 30.43 -5.42 9.84
CA ASN A 476 30.34 -6.81 10.26
C ASN A 476 28.92 -7.40 10.11
N ILE A 477 28.09 -6.69 9.34
CA ILE A 477 26.82 -7.22 8.86
C ILE A 477 27.09 -7.93 7.53
N ASP A 478 26.20 -8.83 7.14
CA ASP A 478 26.40 -9.60 5.90
C ASP A 478 26.25 -8.73 4.65
N LYS A 479 26.78 -9.22 3.53
CA LYS A 479 26.88 -8.46 2.29
C LYS A 479 25.53 -8.01 1.72
N ASN A 480 24.51 -8.86 1.87
CA ASN A 480 23.17 -8.52 1.39
C ASN A 480 22.54 -7.36 2.15
N ASP A 481 22.70 -7.37 3.47
CA ASP A 481 22.19 -6.31 4.34
C ASP A 481 22.98 -5.02 4.18
N GLU A 482 24.26 -5.16 3.87
CA GLU A 482 25.12 -4.02 3.58
C GLU A 482 24.69 -3.36 2.28
N TYR A 483 24.40 -4.18 1.28
CA TYR A 483 23.95 -3.68 -0.02
C TYR A 483 22.57 -3.03 0.10
N ARG A 484 21.71 -3.63 0.93
CA ARG A 484 20.40 -3.06 1.23
C ARG A 484 20.55 -1.68 1.85
N LEU A 485 21.41 -1.58 2.87
CA LEU A 485 21.64 -0.31 3.57
C LEU A 485 22.15 0.81 2.66
N TYR A 486 23.15 0.51 1.81
CA TYR A 486 23.67 1.51 0.86
C TYR A 486 22.59 2.03 -0.08
N GLN A 487 21.79 1.12 -0.64
CA GLN A 487 20.68 1.55 -1.51
C GLN A 487 19.68 2.42 -0.74
N THR A 488 19.35 2.00 0.47
CA THR A 488 18.35 2.71 1.29
C THR A 488 18.77 4.14 1.63
N ILE A 489 20.03 4.33 2.04
CA ILE A 489 20.53 5.66 2.38
C ILE A 489 20.60 6.56 1.14
N VAL A 490 21.07 6.01 0.02
CA VAL A 490 21.08 6.75 -1.25
C VAL A 490 19.67 7.20 -1.64
N GLY A 491 18.69 6.29 -1.55
CA GLY A 491 17.30 6.62 -1.89
C GLY A 491 16.64 7.62 -0.94
N SER A 492 16.85 7.43 0.37
CA SER A 492 16.10 8.18 1.37
C SER A 492 16.85 9.31 2.06
N PHE A 493 18.10 9.55 1.65
CA PHE A 493 18.97 10.53 2.32
C PHE A 493 18.33 11.88 2.59
N ASP A 494 18.37 12.29 3.86
CA ASP A 494 17.82 13.59 4.27
C ASP A 494 18.81 14.34 5.19
N GLY A 495 20.09 14.27 4.86
CA GLY A 495 21.13 14.97 5.61
C GLY A 495 21.71 14.12 6.73
N PHE A 496 23.01 14.29 6.98
CA PHE A 496 23.66 13.64 8.12
C PHE A 496 23.32 14.36 9.42
N ASN A 497 22.12 14.06 9.93
CA ASN A 497 21.62 14.64 11.17
C ASN A 497 20.92 13.57 12.01
N ASN A 498 20.71 13.86 13.28
CA ASN A 498 20.15 12.89 14.21
C ASN A 498 18.74 12.40 13.88
N GLU A 499 17.87 13.33 13.47
N GLU A 499 17.87 13.31 13.45
CA GLU A 499 16.50 13.01 13.09
CA GLU A 499 16.48 12.98 13.12
C GLU A 499 16.49 11.94 12.00
C GLU A 499 16.39 11.99 11.95
N TYR A 500 17.18 12.21 10.89
CA TYR A 500 17.28 11.23 9.80
C TYR A 500 17.99 9.94 10.23
N LYS A 501 19.07 10.08 11.01
CA LYS A 501 19.80 8.91 11.52
C LYS A 501 18.88 7.91 12.20
N GLU A 502 17.99 8.41 13.06
CA GLU A 502 17.10 7.53 13.82
C GLU A 502 15.98 6.94 12.95
N ARG A 503 15.49 7.71 11.98
CA ARG A 503 14.56 7.20 10.97
C ARG A 503 15.18 6.04 10.18
N LEU A 504 16.44 6.22 9.78
CA LEU A 504 17.16 5.19 9.01
C LEU A 504 17.35 3.92 9.83
N LYS A 505 17.78 4.07 11.09
CA LYS A 505 17.92 2.93 12.00
C LYS A 505 16.61 2.18 12.18
N ALA A 506 15.55 2.93 12.51
CA ALA A 506 14.23 2.35 12.70
C ALA A 506 13.81 1.53 11.48
N HIS A 507 13.96 2.11 10.28
CA HIS A 507 13.60 1.43 9.05
C HIS A 507 14.44 0.18 8.78
N MET A 508 15.76 0.27 8.98
CA MET A 508 16.64 -0.87 8.71
C MET A 508 16.33 -2.07 9.60
N ILE A 509 16.00 -1.81 10.86
CA ILE A 509 15.58 -2.86 11.79
C ILE A 509 14.28 -3.50 11.33
N LYS A 510 13.31 -2.69 10.92
CA LYS A 510 12.09 -3.21 10.28
C LYS A 510 12.44 -4.08 9.07
N ALA A 511 13.30 -3.59 8.19
CA ALA A 511 13.70 -4.33 6.99
C ALA A 511 14.34 -5.68 7.34
N LEU A 512 15.20 -5.67 8.36
CA LEU A 512 15.83 -6.90 8.85
C LEU A 512 14.80 -7.89 9.42
N ARG A 513 13.85 -7.38 10.21
CA ARG A 513 12.86 -8.24 10.84
C ARG A 513 11.85 -8.78 9.84
N GLU A 514 11.54 -8.00 8.80
CA GLU A 514 10.66 -8.48 7.73
C GLU A 514 11.31 -9.62 6.93
N ALA A 515 12.59 -9.46 6.60
CA ALA A 515 13.34 -10.44 5.83
C ALA A 515 13.47 -11.78 6.56
N LYS A 516 13.50 -11.72 7.89
CA LYS A 516 13.53 -12.89 8.77
C LYS A 516 14.77 -13.77 8.58
N VAL A 517 15.86 -13.18 8.09
CA VAL A 517 17.09 -13.93 7.83
C VAL A 517 17.92 -14.05 9.10
N HIS A 518 18.23 -12.91 9.72
CA HIS A 518 19.07 -12.86 10.92
C HIS A 518 18.27 -12.51 12.18
N THR A 519 17.06 -12.01 11.98
CA THR A 519 16.22 -11.54 13.08
C THR A 519 14.76 -11.56 12.62
N ASP A 520 13.83 -11.43 13.57
CA ASP A 520 12.40 -11.34 13.24
C ASP A 520 11.62 -10.64 14.35
N TRP A 521 10.31 -10.51 14.15
CA TRP A 521 9.47 -9.79 15.11
C TRP A 521 9.21 -10.58 16.39
N VAL A 522 9.30 -11.91 16.30
CA VAL A 522 9.03 -12.79 17.45
C VAL A 522 10.31 -12.96 18.28
N ASN A 523 11.38 -13.40 17.61
CA ASN A 523 12.68 -13.57 18.23
C ASN A 523 13.70 -12.56 17.71
N VAL A 524 13.83 -11.47 18.45
CA VAL A 524 14.71 -10.37 18.12
C VAL A 524 16.17 -10.75 18.38
N ASN A 525 16.98 -10.74 17.32
CA ASN A 525 18.41 -10.88 17.43
C ASN A 525 19.02 -9.51 17.74
N THR A 526 19.03 -9.15 19.02
CA THR A 526 19.49 -7.84 19.47
C THR A 526 20.97 -7.57 19.14
N GLU A 527 21.78 -8.63 19.05
N GLU A 527 21.77 -8.64 19.05
CA GLU A 527 23.21 -8.52 18.74
CA GLU A 527 23.21 -8.53 18.74
C GLU A 527 23.43 -8.10 17.29
C GLU A 527 23.43 -8.10 17.29
N TYR A 528 22.80 -8.81 16.36
CA TYR A 528 22.91 -8.52 14.93
C TYR A 528 22.27 -7.17 14.58
N GLU A 529 21.16 -6.86 15.25
CA GLU A 529 20.50 -5.56 15.06
C GLU A 529 21.37 -4.40 15.56
N LYS A 530 22.12 -4.65 16.63
CA LYS A 530 23.10 -3.68 17.14
C LYS A 530 24.24 -3.44 16.14
N LYS A 531 24.65 -4.49 15.42
CA LYS A 531 25.70 -4.34 14.40
C LYS A 531 25.25 -3.37 13.30
N MET A 532 24.02 -3.56 12.83
CA MET A 532 23.38 -2.66 11.87
C MET A 532 23.30 -1.22 12.37
N THR A 533 22.81 -1.02 13.60
CA THR A 533 22.68 0.33 14.17
C THR A 533 24.04 0.97 14.51
N TYR A 534 25.01 0.15 14.90
CA TYR A 534 26.38 0.61 15.14
C TYR A 534 27.01 1.12 13.84
N LEU A 535 26.80 0.37 12.75
CA LEU A 535 27.26 0.77 11.42
C LEU A 535 26.67 2.11 10.97
N ILE A 536 25.40 2.34 11.27
CA ILE A 536 24.74 3.59 10.92
C ILE A 536 25.29 4.76 11.73
N ASP A 537 25.52 4.53 13.03
CA ASP A 537 26.22 5.50 13.88
C ASP A 537 27.60 5.83 13.31
N LYS A 538 28.32 4.78 12.93
CA LYS A 538 29.65 4.91 12.34
C LYS A 538 29.61 5.74 11.05
N MET A 539 28.62 5.47 10.21
CA MET A 539 28.41 6.24 8.99
C MET A 539 28.17 7.73 9.22
N PHE A 540 27.46 8.07 10.29
CA PHE A 540 27.11 9.46 10.56
C PHE A 540 28.21 10.22 11.31
N ASN A 541 29.30 9.53 11.66
CA ASN A 541 30.42 10.18 12.34
CA ASN A 541 30.43 10.15 12.36
C ASN A 541 31.77 10.01 11.63
N ASN A 542 31.84 9.06 10.69
CA ASN A 542 33.05 8.82 9.91
C ASN A 542 33.17 9.80 8.74
N GLU A 543 34.13 10.72 8.87
CA GLU A 543 34.29 11.86 7.95
C GLU A 543 34.59 11.50 6.50
N LYS A 544 35.40 10.47 6.30
N LYS A 544 35.39 10.46 6.28
CA LYS A 544 35.77 10.00 4.96
CA LYS A 544 35.76 10.04 4.92
C LYS A 544 34.56 9.46 4.20
C LYS A 544 34.61 9.39 4.16
N PHE A 545 33.80 8.59 4.86
CA PHE A 545 32.58 8.01 4.26
C PHE A 545 31.58 9.10 3.84
N MET A 546 31.35 10.06 4.72
N MET A 546 31.35 10.06 4.72
CA MET A 546 30.37 11.13 4.48
CA MET A 546 30.37 11.13 4.48
C MET A 546 30.75 12.01 3.29
C MET A 546 30.75 11.99 3.28
N GLU A 547 32.04 12.30 3.16
CA GLU A 547 32.55 13.07 2.02
C GLU A 547 32.35 12.28 0.72
N SER A 548 32.71 10.99 0.76
CA SER A 548 32.51 10.08 -0.37
C SER A 548 31.05 10.00 -0.76
N PHE A 549 30.19 9.78 0.24
CA PHE A 549 28.75 9.62 0.02
C PHE A 549 28.11 10.87 -0.58
N LEU A 550 28.41 12.04 0.00
CA LEU A 550 27.80 13.30 -0.44
C LEU A 550 28.14 13.68 -1.89
N GLU A 551 29.35 13.26 -2.36
N GLU A 551 29.32 13.25 -2.36
CA GLU A 551 29.78 13.45 -3.74
CA GLU A 551 29.73 13.47 -3.73
C GLU A 551 28.93 12.61 -4.69
C GLU A 551 28.91 12.62 -4.70
N PHE A 552 28.69 11.36 -4.33
CA PHE A 552 27.83 10.46 -5.07
C PHE A 552 26.35 10.90 -5.00
N GLU A 553 25.92 11.26 -3.79
CA GLU A 553 24.51 11.61 -3.52
C GLU A 553 24.07 12.91 -4.21
N SER A 554 24.99 13.87 -4.37
CA SER A 554 24.68 15.10 -5.11
C SER A 554 24.27 14.79 -6.55
N LYS A 555 24.94 13.81 -7.15
CA LYS A 555 24.62 13.36 -8.48
C LYS A 555 23.24 12.68 -8.51
N ILE A 556 23.05 11.73 -7.59
CA ILE A 556 21.82 10.92 -7.51
C ILE A 556 20.58 11.80 -7.22
N ASP A 557 20.74 12.78 -6.33
CA ASP A 557 19.65 13.71 -5.98
C ASP A 557 19.16 14.44 -7.23
N LYS A 558 20.09 15.01 -7.99
CA LYS A 558 19.76 15.71 -9.24
C LYS A 558 19.08 14.79 -10.25
N MET A 559 19.67 13.61 -10.47
CA MET A 559 19.13 12.61 -11.38
C MET A 559 17.73 12.14 -10.96
N GLY A 560 17.56 11.93 -9.65
CA GLY A 560 16.27 11.56 -9.08
C GLY A 560 15.19 12.62 -9.30
N LYS A 561 15.55 13.89 -9.13
CA LYS A 561 14.61 14.99 -9.33
C LYS A 561 14.11 15.07 -10.78
N VAL A 562 15.01 14.86 -11.74
CA VAL A 562 14.64 14.82 -13.16
C VAL A 562 13.64 13.67 -13.44
N LYS A 563 13.97 12.48 -12.96
CA LYS A 563 13.12 11.29 -13.15
C LYS A 563 11.75 11.45 -12.45
N SER A 564 11.77 12.00 -11.25
CA SER A 564 10.56 12.32 -10.48
C SER A 564 9.60 13.24 -11.25
N LEU A 565 10.15 14.31 -11.83
CA LEU A 565 9.32 15.25 -12.60
C LEU A 565 8.67 14.59 -13.82
N SER A 566 9.44 13.74 -14.50
CA SER A 566 8.95 12.92 -15.62
C SER A 566 7.82 12.01 -15.17
N LEU A 567 8.01 11.33 -14.03
CA LEU A 567 6.98 10.45 -13.48
C LEU A 567 5.67 11.22 -13.18
N VAL A 568 5.80 12.40 -12.58
CA VAL A 568 4.65 13.29 -12.28
C VAL A 568 3.92 13.65 -13.60
N ALA A 569 4.69 14.06 -14.61
CA ALA A 569 4.13 14.37 -15.92
C ALA A 569 3.39 13.16 -16.50
N LEU A 570 3.99 11.98 -16.45
CA LEU A 570 3.32 10.77 -16.95
C LEU A 570 2.01 10.49 -16.21
N LYS A 571 2.05 10.66 -14.89
CA LYS A 571 0.87 10.42 -14.06
C LYS A 571 -0.30 11.36 -14.39
N ILE A 572 -0.01 12.63 -14.63
CA ILE A 572 -1.07 13.62 -14.87
C ILE A 572 -1.59 13.61 -16.31
N THR A 573 -0.73 13.24 -17.26
CA THR A 573 -1.10 13.38 -18.68
C THR A 573 -1.55 12.07 -19.33
N SER A 574 -1.26 10.95 -18.66
CA SER A 574 -1.80 9.63 -19.05
C SER A 574 -3.30 9.54 -18.81
N PRO A 575 -4.00 8.60 -19.50
CA PRO A 575 -5.37 8.27 -19.08
C PRO A 575 -5.34 7.84 -17.60
N GLY A 576 -6.50 7.87 -16.95
CA GLY A 576 -6.61 7.53 -15.54
C GLY A 576 -6.73 8.75 -14.63
N VAL A 577 -7.00 8.51 -13.35
CA VAL A 577 -7.12 9.59 -12.36
C VAL A 577 -5.80 9.78 -11.60
N ALA A 578 -5.27 10.99 -11.63
CA ALA A 578 -3.95 11.27 -11.00
C ALA A 578 -4.03 11.30 -9.47
N ASP A 579 -3.36 10.34 -8.82
CA ASP A 579 -3.41 10.27 -7.36
C ASP A 579 -2.14 10.80 -6.71
N PHE A 580 -2.30 11.56 -5.63
CA PHE A 580 -1.18 12.13 -4.88
C PHE A 580 -1.22 11.76 -3.40
N TYR A 581 -0.16 11.12 -2.92
CA TYR A 581 -0.04 10.86 -1.49
C TYR A 581 0.33 12.18 -0.80
N GLN A 582 -0.26 12.41 0.38
CA GLN A 582 -0.05 13.70 1.07
C GLN A 582 1.44 14.09 1.13
N GLY A 583 1.74 15.30 0.69
CA GLY A 583 3.11 15.82 0.72
C GLY A 583 3.93 15.61 -0.54
N LEU A 584 3.47 14.73 -1.43
CA LEU A 584 4.24 14.37 -2.63
C LEU A 584 4.11 15.36 -3.77
N GLU A 585 3.37 16.44 -3.54
CA GLU A 585 3.47 17.61 -4.39
C GLU A 585 4.90 18.16 -4.34
N ASN A 586 5.58 17.94 -3.21
CA ASN A 586 7.01 18.28 -3.08
C ASN A 586 7.85 17.01 -3.20
N PHE A 587 9.16 17.17 -3.41
CA PHE A 587 10.07 16.02 -3.30
C PHE A 587 10.04 15.54 -1.85
N ARG A 588 9.60 14.32 -1.65
CA ARG A 588 9.44 13.78 -0.31
C ARG A 588 9.94 12.34 -0.27
N TYR A 589 10.88 12.09 0.63
CA TYR A 589 11.62 10.84 0.64
C TYR A 589 11.20 10.02 1.84
N LEU A 590 10.30 9.08 1.58
CA LEU A 590 9.67 8.29 2.64
C LEU A 590 10.05 6.82 2.53
N LEU A 591 10.27 6.20 3.68
CA LEU A 591 10.52 4.78 3.78
C LEU A 591 9.21 4.06 4.15
N THR A 592 9.29 2.82 4.61
CA THR A 592 8.09 2.00 4.83
C THR A 592 7.33 2.47 6.07
N ASP A 593 5.99 2.39 6.03
CA ASP A 593 5.13 2.51 7.21
C ASP A 593 5.87 1.89 8.42
N PRO A 594 6.06 2.66 9.51
CA PRO A 594 5.48 3.96 9.89
C PRO A 594 6.17 5.23 9.38
N ASP A 595 7.30 5.09 8.69
CA ASP A 595 8.03 6.27 8.22
C ASP A 595 7.19 7.15 7.29
N ASN A 596 6.35 6.52 6.47
CA ASN A 596 5.54 7.29 5.52
C ASN A 596 4.27 7.88 6.15
N ARG A 597 4.12 7.73 7.46
CA ARG A 597 2.98 8.25 8.23
C ARG A 597 3.29 9.56 8.97
N ARG A 598 4.48 10.05 8.82
N ARG A 598 4.51 10.06 8.81
CA ARG A 598 4.86 11.33 9.37
CA ARG A 598 4.90 11.36 9.36
C ARG A 598 3.95 12.44 8.86
C ARG A 598 3.97 12.47 8.86
N PRO A 599 3.65 13.45 9.74
CA PRO A 599 2.65 14.46 9.37
C PRO A 599 2.98 15.21 8.07
N VAL A 600 1.97 15.40 7.24
CA VAL A 600 2.12 16.30 6.10
C VAL A 600 2.21 17.75 6.59
N VAL A 601 3.07 18.54 5.95
CA VAL A 601 3.14 19.96 6.21
C VAL A 601 2.85 20.73 4.92
N PHE A 602 2.20 21.88 5.05
CA PHE A 602 1.75 22.68 3.92
C PHE A 602 2.57 23.96 3.79
N SER A 603 3.04 24.22 2.58
CA SER A 603 3.78 25.44 2.25
C SER A 603 2.99 26.26 1.22
N GLU A 604 3.41 27.50 1.00
CA GLU A 604 2.82 28.29 -0.09
C GLU A 604 3.32 27.74 -1.41
N LEU A 605 2.41 27.63 -2.39
CA LEU A 605 2.76 27.07 -3.69
C LEU A 605 3.36 28.15 -4.59
N PRO A 606 4.34 27.76 -5.44
CA PRO A 606 4.96 28.72 -6.36
C PRO A 606 3.93 29.28 -7.34
N LYS A 607 4.12 30.53 -7.75
CA LYS A 607 3.11 31.27 -8.51
C LYS A 607 3.41 31.40 -9.99
N ARG A 608 4.69 31.30 -10.34
CA ARG A 608 5.14 31.37 -11.74
C ARG A 608 6.41 30.56 -11.90
N TYR A 609 6.78 30.32 -13.15
CA TYR A 609 8.03 29.61 -13.42
C TYR A 609 9.23 30.52 -13.19
N GLU A 610 10.25 29.97 -12.52
CA GLU A 610 11.56 30.61 -12.41
C GLU A 610 12.60 29.51 -12.56
N GLU A 611 13.72 29.82 -13.21
CA GLU A 611 14.74 28.79 -13.48
C GLU A 611 15.26 28.16 -12.18
N GLY A 612 15.29 28.96 -11.11
CA GLY A 612 15.80 28.53 -9.81
C GLY A 612 14.94 27.51 -9.08
N LEU A 613 13.74 27.25 -9.59
CA LEU A 613 12.81 26.29 -8.97
C LEU A 613 13.38 24.87 -8.88
N PHE A 614 14.18 24.47 -9.87
CA PHE A 614 14.74 23.12 -9.88
C PHE A 614 15.73 22.95 -8.73
N ASN A 615 16.68 23.88 -8.63
CA ASN A 615 17.70 23.84 -7.58
C ASN A 615 17.14 23.98 -6.16
N ASN A 616 16.19 24.89 -5.95
CA ASN A 616 15.59 25.03 -4.63
C ASN A 616 14.50 23.99 -4.28
N GLY A 617 14.19 23.09 -5.22
CA GLY A 617 13.27 21.98 -4.99
C GLY A 617 11.78 22.29 -5.11
N ARG A 618 11.45 23.56 -5.31
CA ARG A 618 10.05 23.96 -5.44
C ARG A 618 9.46 23.65 -6.81
N ILE A 619 10.30 23.15 -7.72
CA ILE A 619 9.86 22.78 -9.07
C ILE A 619 8.74 21.72 -9.06
N LYS A 620 8.83 20.74 -8.17
CA LYS A 620 7.84 19.64 -8.16
C LYS A 620 6.43 20.17 -7.87
N ALA A 621 6.31 21.02 -6.84
CA ALA A 621 5.03 21.66 -6.54
C ALA A 621 4.50 22.52 -7.69
N TYR A 622 5.38 23.33 -8.31
CA TYR A 622 4.98 24.08 -9.49
C TYR A 622 4.48 23.23 -10.66
N VAL A 623 5.24 22.17 -11.00
CA VAL A 623 4.87 21.26 -12.08
C VAL A 623 3.53 20.58 -11.77
N THR A 624 3.39 20.10 -10.53
CA THR A 624 2.16 19.47 -10.06
C THR A 624 0.99 20.43 -10.24
N LYS A 625 1.16 21.66 -9.74
CA LYS A 625 0.12 22.68 -9.83
C LYS A 625 -0.26 23.00 -11.29
N VAL A 626 0.73 23.27 -12.14
CA VAL A 626 0.41 23.66 -13.52
C VAL A 626 -0.26 22.52 -14.31
N LEU A 627 0.24 21.30 -14.14
CA LEU A 627 -0.32 20.16 -14.85
C LEU A 627 -1.70 19.72 -14.34
N LEU A 628 -1.91 19.74 -13.02
CA LEU A 628 -3.24 19.42 -12.49
C LEU A 628 -4.26 20.45 -12.94
N ASN A 629 -3.84 21.71 -12.99
CA ASN A 629 -4.73 22.77 -13.45
C ASN A 629 -5.01 22.72 -14.95
N LEU A 630 -4.03 22.27 -15.74
CA LEU A 630 -4.25 22.00 -17.16
C LEU A 630 -5.29 20.87 -17.32
N ARG A 631 -5.07 19.78 -16.58
CA ARG A 631 -6.01 18.64 -16.57
C ARG A 631 -7.43 19.12 -16.25
N LYS A 632 -7.53 19.94 -15.21
CA LYS A 632 -8.81 20.48 -14.76
C LYS A 632 -9.45 21.42 -15.79
N SER A 633 -8.67 22.33 -16.35
CA SER A 633 -9.20 23.31 -17.33
C SER A 633 -9.71 22.65 -18.61
N MET A 634 -9.18 21.48 -18.94
CA MET A 634 -9.59 20.76 -20.16
C MET A 634 -10.72 19.74 -19.90
N LYS A 635 -11.40 19.91 -18.76
CA LYS A 635 -12.59 19.12 -18.42
C LYS A 635 -12.26 17.62 -18.38
N ASP A 636 -12.88 16.81 -19.25
CA ASP A 636 -12.59 15.37 -19.26
C ASP A 636 -11.56 14.93 -20.31
N PHE A 637 -10.87 15.89 -20.92
CA PHE A 637 -9.92 15.59 -22.01
C PHE A 637 -8.87 14.53 -21.68
N PHE A 638 -8.24 14.63 -20.51
CA PHE A 638 -7.21 13.65 -20.14
C PHE A 638 -7.76 12.26 -19.81
N ILE A 639 -9.05 12.21 -19.49
CA ILE A 639 -9.73 10.93 -19.31
C ILE A 639 -10.05 10.25 -20.66
N ASN A 640 -10.68 11.00 -21.55
CA ASN A 640 -11.35 10.41 -22.72
C ASN A 640 -10.67 10.62 -24.08
N SER A 641 -9.69 11.51 -24.15
CA SER A 641 -9.07 11.84 -25.44
C SER A 641 -8.20 10.68 -25.93
N GLU A 642 -7.98 10.61 -27.23
CA GLU A 642 -7.11 9.61 -27.83
C GLU A 642 -5.72 9.65 -27.21
N TYR A 643 -5.09 8.48 -27.14
CA TYR A 643 -3.72 8.34 -26.70
C TYR A 643 -2.91 7.89 -27.89
N LYS A 644 -1.99 8.74 -28.34
CA LYS A 644 -1.24 8.48 -29.56
C LYS A 644 0.28 8.46 -29.32
N PRO A 645 0.86 7.26 -29.15
CA PRO A 645 2.30 7.11 -28.90
C PRO A 645 3.16 7.81 -29.95
N LEU A 646 4.27 8.39 -29.51
CA LEU A 646 5.31 8.89 -30.39
C LEU A 646 6.46 7.88 -30.45
N LYS A 647 7.11 7.78 -31.60
CA LYS A 647 8.30 6.96 -31.72
C LYS A 647 9.52 7.82 -31.39
N LEU A 648 10.16 7.52 -30.26
CA LEU A 648 11.28 8.33 -29.78
C LEU A 648 12.43 7.41 -29.40
N GLN A 649 13.63 7.99 -29.31
CA GLN A 649 14.81 7.20 -28.97
C GLN A 649 14.75 6.68 -27.53
N LYS A 650 15.54 5.66 -27.23
CA LYS A 650 15.58 5.05 -25.91
C LYS A 650 15.95 6.09 -24.85
N GLY A 651 15.24 6.06 -23.73
CA GLY A 651 15.41 7.05 -22.67
C GLY A 651 14.41 8.18 -22.76
N LEU A 652 13.67 8.25 -23.86
CA LEU A 652 12.56 9.18 -23.99
C LEU A 652 11.26 8.42 -24.15
N CYS A 653 10.20 8.98 -23.58
CA CYS A 653 8.87 8.41 -23.72
C CYS A 653 7.89 9.55 -23.96
N GLY A 654 7.05 9.39 -24.98
CA GLY A 654 6.17 10.45 -25.42
C GLY A 654 4.90 9.99 -26.11
N PHE A 655 3.91 10.88 -26.12
CA PHE A 655 2.61 10.61 -26.74
C PHE A 655 1.85 11.92 -26.91
N MET A 656 0.83 11.87 -27.75
CA MET A 656 -0.12 12.97 -27.84
C MET A 656 -1.42 12.55 -27.17
N ARG A 657 -2.10 13.52 -26.58
CA ARG A 657 -3.51 13.35 -26.19
C ARG A 657 -4.34 14.15 -27.17
N GLY A 658 -5.22 13.46 -27.89
CA GLY A 658 -5.99 14.07 -28.98
C GLY A 658 -5.09 14.77 -29.96
N ASP A 659 -5.53 15.94 -30.44
CA ASP A 659 -4.71 16.77 -31.33
C ASP A 659 -4.23 18.02 -30.62
N LYS A 660 -4.21 17.98 -29.28
CA LYS A 660 -4.04 19.20 -28.50
C LYS A 660 -2.76 19.22 -27.64
N VAL A 661 -2.37 18.07 -27.10
CA VAL A 661 -1.31 18.01 -26.10
C VAL A 661 -0.20 17.05 -26.50
N LEU A 662 1.04 17.55 -26.52
CA LEU A 662 2.21 16.72 -26.82
C LEU A 662 3.06 16.56 -25.56
N VAL A 663 3.29 15.31 -25.17
CA VAL A 663 4.03 14.99 -23.94
C VAL A 663 5.30 14.22 -24.28
N ILE A 664 6.44 14.76 -23.84
CA ILE A 664 7.72 14.06 -23.99
C ILE A 664 8.47 14.17 -22.67
N VAL A 665 8.86 13.03 -22.10
CA VAL A 665 9.63 13.00 -20.86
C VAL A 665 10.92 12.17 -20.99
N LYS A 666 11.93 12.54 -20.20
CA LYS A 666 13.17 11.77 -20.05
C LYS A 666 13.02 10.72 -18.95
N THR A 667 13.26 9.45 -19.26
CA THR A 667 13.34 8.45 -18.20
C THR A 667 14.79 8.19 -17.74
N LEU A 668 15.74 8.68 -18.55
CA LEU A 668 17.17 8.54 -18.26
C LEU A 668 17.87 9.89 -18.30
N ASN A 669 18.89 10.07 -17.48
CA ASN A 669 19.61 11.33 -17.42
C ASN A 669 20.68 11.47 -18.52
N ARG A 670 20.22 11.74 -19.74
CA ARG A 670 21.06 11.91 -20.91
C ARG A 670 20.59 13.13 -21.70
N ASP A 671 21.41 13.58 -22.65
CA ASP A 671 21.04 14.74 -23.48
C ASP A 671 20.14 14.31 -24.63
N TYR A 672 19.05 15.05 -24.82
CA TYR A 672 18.12 14.80 -25.93
C TYR A 672 17.63 16.10 -26.57
N ASP A 673 17.50 16.08 -27.88
CA ASP A 673 16.80 17.12 -28.64
C ASP A 673 15.70 16.47 -29.47
N ILE A 674 14.52 17.08 -29.47
CA ILE A 674 13.41 16.58 -30.27
C ILE A 674 12.96 17.64 -31.29
N GLU A 675 12.57 17.19 -32.48
CA GLU A 675 11.97 18.07 -33.48
C GLU A 675 10.46 18.05 -33.35
N ILE A 676 9.84 19.22 -33.29
CA ILE A 676 8.38 19.31 -33.22
C ILE A 676 7.79 19.96 -34.48
N ASP A 677 6.63 19.47 -34.88
CA ASP A 677 5.91 20.04 -36.02
C ASP A 677 5.07 21.23 -35.57
N GLY A 678 5.35 22.39 -36.15
CA GLY A 678 4.64 23.62 -35.83
C GLY A 678 4.95 24.15 -34.43
N GLU A 679 4.10 25.06 -33.96
CA GLU A 679 4.36 25.76 -32.71
C GLU A 679 3.49 25.25 -31.57
N TYR A 680 4.05 25.29 -30.36
CA TYR A 680 3.39 24.85 -29.14
C TYR A 680 3.75 25.80 -28.02
N THR A 681 2.93 25.79 -26.96
CA THR A 681 3.27 26.48 -25.72
C THR A 681 3.70 25.43 -24.70
N ASP A 682 4.88 25.62 -24.13
CA ASP A 682 5.37 24.77 -23.05
C ASP A 682 4.64 25.25 -21.80
N VAL A 683 3.79 24.42 -21.23
CA VAL A 683 2.96 24.87 -20.09
C VAL A 683 3.74 25.08 -18.79
N ILE A 684 4.86 24.40 -18.62
CA ILE A 684 5.69 24.61 -17.42
C ILE A 684 6.46 25.94 -17.52
N THR A 685 7.20 26.12 -18.60
CA THR A 685 8.06 27.30 -18.79
C THR A 685 7.29 28.50 -19.34
N ASP A 686 6.10 28.27 -19.88
CA ASP A 686 5.27 29.29 -20.51
C ASP A 686 5.97 29.93 -21.73
N GLU A 687 6.79 29.13 -22.40
CA GLU A 687 7.51 29.60 -23.57
C GLU A 687 6.85 29.04 -24.83
N THR A 688 6.82 29.85 -25.88
CA THR A 688 6.37 29.40 -27.17
C THR A 688 7.54 28.69 -27.85
N VAL A 689 7.34 27.42 -28.19
CA VAL A 689 8.41 26.61 -28.75
C VAL A 689 8.11 26.17 -30.19
N ARG A 690 9.18 25.99 -30.97
CA ARG A 690 9.10 25.58 -32.37
C ARG A 690 10.38 24.84 -32.77
N GLY A 691 10.29 24.00 -33.79
CA GLY A 691 11.45 23.31 -34.34
C GLY A 691 12.10 22.33 -33.38
N ARG A 692 13.40 22.53 -33.12
CA ARG A 692 14.18 21.66 -32.26
C ARG A 692 14.08 22.12 -30.81
N VAL A 693 13.57 21.23 -29.96
CA VAL A 693 13.41 21.54 -28.52
C VAL A 693 14.27 20.59 -27.70
N LYS A 694 15.03 21.16 -26.77
CA LYS A 694 15.86 20.40 -25.85
C LYS A 694 15.03 19.80 -24.72
N VAL A 695 15.30 18.54 -24.39
CA VAL A 695 14.72 17.93 -23.20
C VAL A 695 15.81 18.03 -22.13
N ASP A 696 15.68 19.02 -21.26
CA ASP A 696 16.70 19.27 -20.24
C ASP A 696 16.30 18.62 -18.91
N LYS A 697 16.06 19.43 -17.87
CA LYS A 697 15.70 18.87 -16.57
C LYS A 697 14.18 18.70 -16.39
N LEU A 698 13.39 19.29 -17.29
CA LEU A 698 11.94 19.32 -17.14
C LEU A 698 11.23 18.45 -18.19
N PRO A 699 10.05 17.89 -17.84
CA PRO A 699 9.25 17.26 -18.90
C PRO A 699 8.72 18.32 -19.86
N LEU A 700 8.38 17.90 -21.08
CA LEU A 700 7.79 18.78 -22.05
C LEU A 700 6.31 18.43 -22.16
N ILE A 701 5.45 19.34 -21.69
CA ILE A 701 4.02 19.25 -21.91
C ILE A 701 3.65 20.43 -22.79
N LEU A 702 3.40 20.14 -24.05
CA LEU A 702 3.29 21.18 -25.07
C LEU A 702 1.88 21.21 -25.61
N VAL A 703 1.26 22.39 -25.57
CA VAL A 703 -0.16 22.54 -25.97
C VAL A 703 -0.27 23.37 -27.24
N LYS A 704 -1.05 22.84 -28.18
N LYS A 704 -1.08 22.90 -28.19
CA LYS A 704 -1.22 23.42 -29.51
CA LYS A 704 -1.28 23.61 -29.46
C LYS A 704 -2.41 24.37 -29.53
C LYS A 704 -2.08 24.90 -29.30
C1 GOL B . -2.69 -19.58 13.22
O1 GOL B . -3.74 -19.90 12.35
C2 GOL B . -1.62 -20.68 13.18
O2 GOL B . -1.65 -21.40 14.39
C3 GOL B . -0.24 -20.05 13.03
O3 GOL B . 0.47 -20.71 12.02
C1 GOL C . -6.22 -3.28 6.85
O1 GOL C . -7.47 -2.63 6.93
C2 GOL C . -5.32 -2.58 5.84
O2 GOL C . -5.69 -2.97 4.53
C3 GOL C . -3.87 -2.98 6.12
O3 GOL C . -2.99 -2.04 5.56
C1 GOL D . -2.62 0.58 8.76
O1 GOL D . -2.61 1.63 7.82
C2 GOL D . -1.21 -0.03 8.83
O2 GOL D . -0.33 0.85 9.49
C3 GOL D . -1.26 -1.37 9.56
O3 GOL D . -1.56 -1.14 10.92
C1 GOL E . -1.01 -3.43 0.24
O1 GOL E . 0.25 -3.55 0.89
C2 GOL E . -2.05 -4.36 0.86
O2 GOL E . -2.28 -4.01 2.20
C3 GOL E . -1.61 -5.82 0.79
O3 GOL E . -1.64 -6.22 -0.55
#